data_4MOQ
#
_entry.id   4MOQ
#
_cell.length_a   101.724
_cell.length_b   101.724
_cell.length_c   251.284
_cell.angle_alpha   90.00
_cell.angle_beta   90.00
_cell.angle_gamma   90.00
#
_symmetry.space_group_name_H-M   'P 43 21 2'
#
loop_
_entity.id
_entity.type
_entity.pdbx_description
1 polymer 'Pyranose 2-oxidase'
2 non-polymer 'DIHYDROFLAVINE-ADENINE DINUCLEOTIDE'
3 non-polymer 2-deoxy-2-fluoro-beta-D-galactopyranose
4 non-polymer '2-(N-MORPHOLINO)-ETHANESULFONIC ACID'
5 water water
#
_entity_poly.entity_id   1
_entity_poly.type   'polypeptide(L)'
_entity_poly.pdbx_seq_one_letter_code
;MATSSSDPFFNFAKSSFRSAAAQKASASSLPPLPGPDKKVPGMDIKYDVVIVGSGPIGCTYARELVGAGYKVAMFDIGEI
DSGLKIGAHKKNTVEYQKNIDKFVNVIQGQLMSVSVPVNTLVVDTLSPTSWQASTFFVRNGSNPEQDPLRNLSGQAVTRV
VGGMSTHWTCATPRFDREQRPLLVKDDADADDAEWDRLYTKAESYFQTGTDQFKESIRHNLVLNKLTEEYKGQRDFQQIP
LAATRRSPTFVEWSSANTVFDLQNRPNTDAPEERFNLFPAVACERVVRNALNSEIESLHIHDLISGDRFEIKADVYVLTA
GAVHNTQLLVNSGFGQLGRPNPANPPELLPSLGSYITEQSLVFCQTVMSTELIDSVKSDMTIRGTPGELTYSVTYTPGAS
TNKHPDWWNEKVKNHMMQHQEDPLPIPFEDPEPQVTTLFQPSHPWHTQIHRDAFSYGAVQQSIDSRLIVDWRFFGRTEPK
EENKLWFSDKITDAYNMPQPTFDFRFPAGRTSKEAEDMMTDMCVMSAKIGGFLPGSLPQFMEPGLCLHLGGTHRMGFDEK
EDNCCVNTDSRVFGFKNLFLGGCGNIPTAYGANPTLTAMSLAIKSCEYIKQNFTPSPFTSEAAAALEHHHHHH
;
_entity_poly.pdbx_strand_id   A,B
#
# COMPACT_ATOMS: atom_id res chain seq x y z
N LYS A 46 29.72 6.47 -19.45
CA LYS A 46 29.51 7.74 -20.26
C LYS A 46 28.21 7.82 -21.14
N TYR A 47 27.34 8.82 -20.89
CA TYR A 47 26.01 8.91 -21.51
C TYR A 47 25.88 10.28 -22.20
N ASP A 48 24.98 10.37 -23.18
CA ASP A 48 24.62 11.70 -23.75
C ASP A 48 23.83 12.51 -22.71
N VAL A 49 22.87 11.85 -22.07
CA VAL A 49 21.92 12.48 -21.16
C VAL A 49 21.76 11.62 -19.90
N VAL A 50 21.90 12.22 -18.69
CA VAL A 50 21.48 11.62 -17.44
C VAL A 50 20.28 12.32 -16.86
N ILE A 51 19.27 11.52 -16.53
CA ILE A 51 18.05 12.08 -15.88
C ILE A 51 17.99 11.53 -14.42
N VAL A 52 17.80 12.44 -13.45
CA VAL A 52 17.59 12.12 -12.03
C VAL A 52 16.05 12.14 -11.71
N GLY A 53 15.51 10.96 -11.43
CA GLY A 53 14.06 10.76 -11.17
C GLY A 53 13.28 10.19 -12.34
N SER A 54 12.43 9.17 -12.08
CA SER A 54 11.62 8.45 -13.03
C SER A 54 10.10 8.75 -12.90
N GLY A 55 9.79 9.90 -12.29
CA GLY A 55 8.43 10.44 -12.25
C GLY A 55 7.94 10.75 -13.69
N PRO A 56 6.74 11.31 -13.86
CA PRO A 56 6.25 11.66 -15.15
C PRO A 56 7.03 12.75 -15.88
N ILE A 57 7.68 13.65 -15.09
CA ILE A 57 8.47 14.72 -15.73
C ILE A 57 9.75 14.13 -16.24
N GLY A 58 10.48 13.33 -15.46
CA GLY A 58 11.69 12.65 -16.01
C GLY A 58 11.34 11.79 -17.20
N CYS A 59 10.21 11.11 -17.14
CA CYS A 59 9.75 10.29 -18.30
C CYS A 59 9.45 11.11 -19.53
N THR A 60 9.02 12.33 -19.35
CA THR A 60 8.84 13.23 -20.53
C THR A 60 10.18 13.53 -21.25
N TYR A 61 11.25 13.81 -20.46
CA TYR A 61 12.59 13.95 -21.01
C TYR A 61 13.02 12.66 -21.68
N ALA A 62 12.80 11.53 -21.05
CA ALA A 62 13.23 10.24 -21.70
C ALA A 62 12.44 10.02 -22.99
N ARG A 63 11.12 10.22 -22.94
CA ARG A 63 10.33 10.01 -24.18
C ARG A 63 10.89 10.85 -25.33
N GLU A 64 11.10 12.14 -25.08
CA GLU A 64 11.55 13.07 -26.14
C GLU A 64 12.98 12.67 -26.58
N LEU A 65 13.85 12.38 -25.61
CA LEU A 65 15.31 12.29 -25.91
C LEU A 65 15.69 10.92 -26.34
N VAL A 66 15.12 9.88 -25.75
CA VAL A 66 15.42 8.50 -26.30
C VAL A 66 14.93 8.42 -27.73
N GLY A 67 13.76 8.98 -27.97
CA GLY A 67 13.16 8.94 -29.31
C GLY A 67 13.94 9.67 -30.37
N ALA A 68 14.72 10.67 -29.97
CA ALA A 68 15.49 11.53 -30.85
C ALA A 68 16.91 10.95 -30.99
N GLY A 69 17.18 9.75 -30.43
CA GLY A 69 18.44 9.04 -30.64
C GLY A 69 19.57 9.24 -29.64
N TYR A 70 19.30 9.89 -28.56
CA TYR A 70 20.34 10.09 -27.55
C TYR A 70 20.50 8.82 -26.64
N LYS A 71 21.72 8.66 -26.16
CA LYS A 71 22.11 7.60 -25.20
C LYS A 71 21.73 8.10 -23.79
N VAL A 72 20.63 7.57 -23.26
CA VAL A 72 20.06 8.11 -22.05
C VAL A 72 20.18 7.10 -20.87
N ALA A 73 20.58 7.60 -19.68
CA ALA A 73 20.52 6.87 -18.40
C ALA A 73 19.59 7.60 -17.49
N MET A 74 18.78 6.88 -16.75
CA MET A 74 17.93 7.48 -15.75
C MET A 74 18.19 6.82 -14.39
N PHE A 75 18.22 7.61 -13.31
CA PHE A 75 18.43 7.08 -11.99
C PHE A 75 17.23 7.39 -11.09
N ASP A 76 16.81 6.47 -10.23
CA ASP A 76 15.82 6.75 -9.25
C ASP A 76 16.27 6.17 -7.92
N ILE A 77 16.09 6.94 -6.87
CA ILE A 77 16.45 6.53 -5.55
C ILE A 77 15.50 5.37 -5.04
N GLY A 78 14.30 5.26 -5.59
CA GLY A 78 13.39 4.18 -5.24
C GLY A 78 13.50 3.01 -6.23
N GLU A 79 12.61 2.06 -6.05
CA GLU A 79 12.65 0.77 -6.72
C GLU A 79 11.39 0.48 -7.54
N ILE A 80 11.54 -0.49 -8.42
CA ILE A 80 10.43 -0.91 -9.22
C ILE A 80 9.37 -1.64 -8.36
N ASP A 81 8.16 -1.12 -8.33
CA ASP A 81 7.08 -1.73 -7.56
C ASP A 81 5.62 -1.40 -8.06
N SER A 82 5.39 -1.40 -9.36
CA SER A 82 4.05 -1.39 -9.94
C SER A 82 3.71 -2.65 -10.75
N GLY A 83 4.44 -3.75 -10.61
CA GLY A 83 4.29 -4.88 -11.60
C GLY A 83 5.20 -4.85 -12.80
N LEU A 84 4.84 -5.59 -13.84
CA LEU A 84 5.72 -5.70 -14.98
C LEU A 84 5.68 -4.47 -15.89
N LYS A 85 4.63 -3.65 -15.79
CA LYS A 85 4.63 -2.36 -16.48
C LYS A 85 5.35 -1.40 -15.52
N ILE A 86 6.57 -1.11 -15.83
CA ILE A 86 7.46 -0.28 -14.93
C ILE A 86 6.94 1.17 -14.81
N GLY A 87 6.77 1.57 -13.55
CA GLY A 87 6.31 2.97 -13.23
C GLY A 87 4.80 3.21 -13.54
N ALA A 88 3.98 2.15 -13.60
CA ALA A 88 2.53 2.25 -13.92
C ALA A 88 1.71 2.62 -12.70
N HIS A 89 0.46 2.94 -12.95
CA HIS A 89 -0.40 3.33 -11.83
C HIS A 89 -0.80 2.10 -11.02
N LYS A 90 -0.62 2.21 -9.69
CA LYS A 90 -0.92 1.07 -8.79
C LYS A 90 -2.45 0.76 -8.61
N LYS A 91 -3.28 1.70 -9.05
CA LYS A 91 -4.73 1.58 -9.03
C LYS A 91 -5.27 0.72 -10.17
N ASN A 92 -4.43 0.41 -11.15
CA ASN A 92 -4.86 -0.37 -12.32
C ASN A 92 -4.76 -1.89 -12.08
N THR A 93 -5.16 -2.31 -10.92
CA THR A 93 -5.47 -3.71 -10.71
C THR A 93 -6.98 -3.90 -10.58
N VAL A 94 -7.46 -5.10 -10.99
CA VAL A 94 -8.84 -5.50 -10.97
C VAL A 94 -9.27 -5.39 -9.53
N GLU A 95 -8.38 -5.84 -8.62
CA GLU A 95 -8.68 -5.93 -7.20
C GLU A 95 -8.88 -4.52 -6.65
N TYR A 96 -8.03 -3.55 -6.95
CA TYR A 96 -8.31 -2.15 -6.41
C TYR A 96 -9.58 -1.54 -6.98
N GLN A 97 -9.88 -1.77 -8.25
CA GLN A 97 -11.04 -1.15 -8.86
C GLN A 97 -12.38 -1.80 -8.39
N LYS A 98 -12.29 -2.95 -7.74
CA LYS A 98 -13.40 -3.64 -7.07
C LYS A 98 -13.47 -3.37 -5.59
N ASN A 99 -12.44 -2.68 -5.04
CA ASN A 99 -12.32 -2.44 -3.59
C ASN A 99 -11.64 -1.05 -3.48
N ILE A 100 -12.23 -0.01 -4.08
CA ILE A 100 -11.52 1.26 -4.19
C ILE A 100 -11.21 1.98 -2.90
N ASP A 101 -12.05 1.73 -1.90
CA ASP A 101 -11.86 2.21 -0.53
C ASP A 101 -10.52 1.78 0.12
N LYS A 102 -9.84 0.82 -0.47
CA LYS A 102 -8.59 0.33 0.07
C LYS A 102 -7.39 1.04 -0.49
N PHE A 103 -7.56 1.70 -1.62
CA PHE A 103 -6.41 2.31 -2.24
C PHE A 103 -5.86 3.51 -1.42
N VAL A 104 -6.65 4.17 -0.57
CA VAL A 104 -6.12 5.20 0.27
C VAL A 104 -4.91 4.70 1.04
N ASN A 105 -4.91 3.39 1.39
CA ASN A 105 -3.81 2.84 2.16
C ASN A 105 -2.54 2.77 1.36
N VAL A 106 -2.64 2.41 0.07
CA VAL A 106 -1.48 2.40 -0.77
C VAL A 106 -0.85 3.83 -0.82
N ILE A 107 -1.69 4.86 -1.00
CA ILE A 107 -1.21 6.21 -1.02
C ILE A 107 -0.49 6.55 0.29
N GLN A 108 -1.14 6.35 1.42
CA GLN A 108 -0.56 6.66 2.69
C GLN A 108 0.78 5.91 2.92
N GLY A 109 0.89 4.71 2.36
CA GLY A 109 2.09 3.88 2.52
C GLY A 109 3.29 4.47 1.81
N GLN A 110 3.09 5.41 0.88
CA GLN A 110 4.25 5.92 0.10
C GLN A 110 4.34 7.43 0.08
N LEU A 111 3.71 8.03 1.09
CA LEU A 111 3.85 9.47 1.39
C LEU A 111 4.69 9.59 2.65
N MET A 112 5.92 9.94 2.44
CA MET A 112 6.87 10.10 3.54
C MET A 112 7.01 11.62 3.88
N SER A 113 6.57 12.04 5.09
CA SER A 113 6.61 13.44 5.48
C SER A 113 7.94 14.14 5.28
N VAL A 114 7.93 15.33 4.67
CA VAL A 114 9.19 16.10 4.45
C VAL A 114 9.84 16.56 5.75
N SER A 115 9.03 17.22 6.58
CA SER A 115 9.56 17.82 7.82
C SER A 115 8.57 17.71 8.96
N VAL A 116 9.00 16.95 9.95
CA VAL A 116 8.18 16.66 11.16
C VAL A 116 8.85 17.38 12.33
N PRO A 117 8.12 18.29 12.98
CA PRO A 117 8.73 18.99 14.14
C PRO A 117 8.79 18.11 15.38
N VAL A 118 9.66 18.49 16.32
CA VAL A 118 9.80 17.71 17.57
C VAL A 118 8.44 17.65 18.27
N ASN A 119 8.09 16.46 18.72
CA ASN A 119 6.75 16.15 19.35
C ASN A 119 6.84 16.67 20.76
N THR A 120 5.78 17.35 21.19
CA THR A 120 5.65 17.89 22.58
C THR A 120 4.37 17.43 23.22
N LEU A 121 3.77 16.35 22.74
CA LEU A 121 2.59 15.72 23.44
C LEU A 121 2.99 15.14 24.79
N VAL A 122 2.14 15.37 25.80
CA VAL A 122 2.46 14.96 27.15
C VAL A 122 1.81 13.59 27.43
N VAL A 123 2.63 12.58 27.67
CA VAL A 123 2.20 11.27 28.07
C VAL A 123 2.50 11.12 29.59
N ASP A 124 1.51 11.38 30.46
CA ASP A 124 1.78 11.29 31.88
C ASP A 124 1.11 10.09 32.62
N THR A 125 0.69 9.10 31.80
CA THR A 125 0.04 7.92 32.35
C THR A 125 0.95 6.67 32.09
N LEU A 126 2.24 6.86 31.83
CA LEU A 126 3.21 5.77 31.92
C LEU A 126 3.25 5.13 33.32
N SER A 127 3.43 3.81 33.40
CA SER A 127 3.77 3.22 34.66
C SER A 127 4.99 3.96 35.31
N PRO A 128 4.99 4.06 36.63
CA PRO A 128 6.22 4.48 37.36
C PRO A 128 7.53 3.75 37.06
N THR A 129 7.43 2.51 36.57
CA THR A 129 8.66 1.78 36.30
C THR A 129 9.21 2.09 34.91
N SER A 130 8.37 2.65 34.01
CA SER A 130 8.82 2.86 32.61
C SER A 130 9.77 4.08 32.56
N TRP A 131 10.77 4.00 31.71
CA TRP A 131 11.69 5.11 31.41
C TRP A 131 10.89 6.25 30.86
N GLN A 132 11.06 7.41 31.48
CA GLN A 132 10.18 8.57 31.27
C GLN A 132 11.10 9.74 31.02
N ALA A 133 10.78 10.44 29.94
CA ALA A 133 11.67 11.52 29.50
C ALA A 133 11.63 12.71 30.44
N SER A 134 12.71 13.43 30.55
CA SER A 134 12.76 14.75 31.26
C SER A 134 12.61 15.97 30.36
N THR A 135 12.85 15.79 29.06
CA THR A 135 12.62 16.87 28.11
C THR A 135 11.93 16.35 26.87
N PHE A 136 11.51 17.26 26.00
CA PHE A 136 11.04 16.89 24.64
C PHE A 136 12.16 16.82 23.61
N PHE A 137 12.91 15.73 23.68
CA PHE A 137 14.17 15.61 22.97
C PHE A 137 13.84 15.13 21.56
N VAL A 138 14.82 15.11 20.68
CA VAL A 138 14.59 14.73 19.26
C VAL A 138 14.37 13.22 19.11
N ARG A 139 13.14 12.82 18.80
CA ARG A 139 12.73 11.41 18.86
C ARG A 139 12.25 11.11 17.39
N ASN A 140 12.40 9.86 16.93
CA ASN A 140 11.48 9.28 15.91
C ASN A 140 11.53 10.01 14.56
N GLY A 141 12.71 10.50 14.22
CA GLY A 141 12.93 11.12 12.90
C GLY A 141 12.55 12.60 12.79
N SER A 142 12.16 13.22 13.91
CA SER A 142 11.75 14.62 13.91
CA SER A 142 11.75 14.64 13.93
C SER A 142 12.93 15.56 13.57
N ASN A 143 12.58 16.70 13.01
CA ASN A 143 13.51 17.70 12.63
C ASN A 143 13.58 18.86 13.67
N PRO A 144 14.68 18.96 14.46
CA PRO A 144 14.74 20.09 15.42
C PRO A 144 14.79 21.50 14.85
N GLU A 145 15.11 21.66 13.57
CA GLU A 145 15.18 22.97 12.92
C GLU A 145 13.80 23.53 12.61
N GLN A 146 12.81 22.66 12.59
CA GLN A 146 11.41 23.04 12.14
C GLN A 146 10.59 23.72 13.22
N ASP A 147 10.18 24.93 12.89
CA ASP A 147 9.16 25.64 13.67
C ASP A 147 7.85 24.91 13.36
N PRO A 148 7.15 24.39 14.39
CA PRO A 148 5.92 23.65 14.08
C PRO A 148 4.82 24.58 13.53
N LEU A 149 4.94 25.85 13.80
CA LEU A 149 3.91 26.84 13.40
C LEU A 149 4.17 27.59 12.14
N ARG A 150 5.25 27.22 11.44
CA ARG A 150 5.52 27.76 10.10
C ARG A 150 5.94 26.67 9.14
N ASN A 151 5.22 25.54 9.20
CA ASN A 151 5.57 24.34 8.44
C ASN A 151 4.54 24.14 7.29
N LEU A 152 4.91 23.25 6.38
CA LEU A 152 3.97 22.59 5.54
C LEU A 152 3.91 21.16 5.99
N SER A 153 3.17 20.93 7.04
CA SER A 153 3.18 19.61 7.69
C SER A 153 2.67 18.45 6.84
N GLY A 154 1.78 18.79 5.94
CA GLY A 154 1.20 17.78 5.02
C GLY A 154 2.11 17.46 3.89
N GLN A 155 3.18 18.21 3.68
CA GLN A 155 4.11 17.91 2.57
C GLN A 155 4.78 16.60 2.75
N ALA A 156 4.89 15.87 1.64
CA ALA A 156 5.44 14.53 1.65
C ALA A 156 6.02 14.20 0.29
N VAL A 157 6.89 13.20 0.28
CA VAL A 157 7.50 12.73 -0.95
C VAL A 157 7.32 11.15 -1.13
N THR A 158 7.49 10.70 -2.34
CA THR A 158 7.25 9.31 -2.80
C THR A 158 8.52 8.88 -3.47
N ARG A 159 9.20 7.90 -2.86
CA ARG A 159 10.37 7.28 -3.48
C ARG A 159 10.13 5.84 -4.04
N VAL A 160 9.65 5.84 -5.27
CA VAL A 160 9.33 4.64 -6.07
C VAL A 160 9.55 4.98 -7.52
N VAL A 161 9.88 3.96 -8.35
CA VAL A 161 9.97 4.26 -9.77
C VAL A 161 8.59 4.67 -10.32
N GLY A 162 8.56 5.79 -11.04
CA GLY A 162 7.30 6.47 -11.47
C GLY A 162 6.85 7.51 -10.55
N GLY A 163 7.52 7.63 -9.41
CA GLY A 163 7.21 8.63 -8.45
C GLY A 163 5.73 8.73 -8.04
N MET A 164 5.24 9.94 -7.81
CA MET A 164 3.86 10.10 -7.36
C MET A 164 2.85 9.70 -8.42
N SER A 165 3.26 9.60 -9.66
CA SER A 165 2.32 9.11 -10.73
C SER A 165 1.90 7.65 -10.62
N THR A 166 2.50 6.92 -9.70
CA THR A 166 2.03 5.59 -9.38
C THR A 166 0.78 5.60 -8.51
N HIS A 167 0.39 6.76 -7.98
CA HIS A 167 -0.78 6.80 -7.11
C HIS A 167 -1.73 7.99 -7.40
N TRP A 168 -1.30 8.93 -8.25
CA TRP A 168 -2.03 10.21 -8.33
C TRP A 168 -3.50 10.10 -8.84
N THR A 169 -4.21 11.20 -8.74
CA THR A 169 -5.60 11.32 -9.15
C THR A 169 -5.83 11.50 -10.67
N CYS A 170 -4.78 11.87 -11.38
CA CYS A 170 -4.82 12.01 -12.84
C CYS A 170 -5.59 13.20 -13.38
N ALA A 171 -5.87 14.18 -12.54
CA ALA A 171 -6.48 15.42 -13.03
C ALA A 171 -5.44 16.33 -13.78
N THR A 172 -5.69 16.59 -15.07
CA THR A 172 -4.72 17.33 -15.87
C THR A 172 -5.36 18.53 -16.59
N PRO A 173 -5.86 19.54 -15.85
CA PRO A 173 -6.33 20.78 -16.48
C PRO A 173 -5.21 21.67 -17.00
N ARG A 174 -5.51 22.43 -18.08
CA ARG A 174 -4.67 23.52 -18.48
C ARG A 174 -4.83 24.73 -17.53
N PHE A 175 -3.76 25.53 -17.37
CA PHE A 175 -3.86 26.82 -16.73
C PHE A 175 -4.31 27.85 -17.76
N ASP A 176 -5.19 28.76 -17.32
CA ASP A 176 -5.55 29.92 -18.13
C ASP A 176 -4.46 30.99 -17.95
N ARG A 177 -4.51 32.06 -18.76
CA ARG A 177 -3.47 33.04 -18.77
C ARG A 177 -3.18 33.56 -17.34
N GLU A 178 -4.21 33.78 -16.55
CA GLU A 178 -3.98 34.38 -15.23
C GLU A 178 -3.07 33.54 -14.30
N GLN A 179 -3.04 32.22 -14.48
CA GLN A 179 -2.26 31.30 -13.64
C GLN A 179 -0.91 30.91 -14.21
N ARG A 180 -0.70 31.28 -15.45
CA ARG A 180 0.29 30.61 -16.29
C ARG A 180 1.54 31.58 -16.44
N PRO A 181 2.76 31.01 -16.36
CA PRO A 181 3.94 31.83 -16.68
C PRO A 181 4.07 32.15 -18.18
N LEU A 182 4.67 33.28 -18.46
CA LEU A 182 4.90 33.76 -19.84
C LEU A 182 6.04 32.93 -20.43
N LEU A 183 5.84 32.45 -21.66
CA LEU A 183 6.92 31.91 -22.54
C LEU A 183 7.31 32.96 -23.60
N VAL A 184 6.46 33.90 -23.90
CA VAL A 184 6.81 35.00 -24.84
C VAL A 184 6.42 36.26 -24.16
N LYS A 185 7.26 37.29 -24.11
CA LYS A 185 6.74 38.56 -23.55
C LYS A 185 6.25 39.48 -24.59
N ASP A 186 5.23 40.24 -24.21
CA ASP A 186 4.67 41.27 -25.04
C ASP A 186 4.05 40.82 -26.35
N ASP A 187 3.59 39.57 -26.41
CA ASP A 187 2.80 39.11 -27.53
C ASP A 187 1.94 37.95 -27.04
N ALA A 188 0.73 38.32 -26.63
CA ALA A 188 -0.21 37.36 -26.02
C ALA A 188 -0.64 36.28 -26.98
N ASP A 189 -0.81 36.62 -28.27
CA ASP A 189 -1.13 35.64 -29.30
C ASP A 189 -0.08 34.57 -29.48
N ALA A 190 1.17 34.97 -29.58
CA ALA A 190 2.30 34.03 -29.78
C ALA A 190 2.47 33.21 -28.52
N ASP A 191 2.32 33.85 -27.35
CA ASP A 191 2.38 33.11 -26.03
C ASP A 191 1.29 32.03 -25.98
N ASP A 192 0.07 32.41 -26.35
CA ASP A 192 -1.07 31.48 -26.39
C ASP A 192 -0.81 30.34 -27.39
N ALA A 193 -0.20 30.62 -28.55
CA ALA A 193 0.04 29.60 -29.54
C ALA A 193 1.07 28.60 -29.03
N GLU A 194 2.08 29.11 -28.31
CA GLU A 194 3.10 28.26 -27.77
C GLU A 194 2.52 27.29 -26.75
N TRP A 195 1.83 27.85 -25.77
CA TRP A 195 1.20 27.03 -24.79
C TRP A 195 0.21 26.01 -25.38
N ASP A 196 -0.58 26.42 -26.39
CA ASP A 196 -1.61 25.53 -26.95
C ASP A 196 -0.86 24.28 -27.56
N ARG A 197 0.21 24.56 -28.29
CA ARG A 197 1.01 23.48 -28.87
C ARG A 197 1.58 22.51 -27.81
N LEU A 198 2.21 23.07 -26.80
CA LEU A 198 2.90 22.26 -25.79
C LEU A 198 1.85 21.44 -24.95
N TYR A 199 0.75 22.10 -24.61
CA TYR A 199 -0.28 21.46 -23.79
C TYR A 199 -0.95 20.31 -24.61
N THR A 200 -1.14 20.54 -25.90
CA THR A 200 -1.72 19.50 -26.78
C THR A 200 -0.80 18.23 -26.80
N LYS A 201 0.52 18.48 -26.80
CA LYS A 201 1.47 17.38 -26.91
C LYS A 201 1.45 16.65 -25.55
N ALA A 202 1.41 17.46 -24.46
CA ALA A 202 1.48 16.92 -23.07
C ALA A 202 0.18 16.04 -22.82
N GLU A 203 -0.97 16.48 -23.38
CA GLU A 203 -2.24 15.77 -23.27
C GLU A 203 -2.16 14.43 -24.02
N SER A 204 -1.48 14.44 -25.16
CA SER A 204 -1.25 13.23 -25.89
C SER A 204 -0.39 12.24 -25.09
N TYR A 205 0.66 12.72 -24.45
CA TYR A 205 1.51 11.84 -23.70
C TYR A 205 0.76 11.21 -22.51
N PHE A 206 -0.05 12.00 -21.82
CA PHE A 206 -0.76 11.54 -20.69
C PHE A 206 -2.08 10.81 -21.07
N GLN A 207 -2.47 10.87 -22.31
CA GLN A 207 -3.79 10.36 -22.80
C GLN A 207 -4.96 11.00 -22.02
N THR A 208 -4.83 12.30 -21.82
CA THR A 208 -5.94 13.15 -21.24
C THR A 208 -7.22 13.11 -22.07
N GLY A 209 -8.37 12.94 -21.40
CA GLY A 209 -9.62 12.97 -22.06
C GLY A 209 -10.65 13.54 -21.19
N THR A 210 -11.83 13.89 -21.75
CA THR A 210 -12.89 14.53 -20.93
C THR A 210 -14.25 13.81 -21.02
N ASP A 211 -14.24 12.59 -21.54
CA ASP A 211 -15.41 11.77 -21.89
C ASP A 211 -15.58 10.46 -21.14
N GLN A 212 -14.64 10.07 -20.24
CA GLN A 212 -14.54 8.71 -19.76
C GLN A 212 -15.62 8.43 -18.78
N PHE A 213 -16.20 9.50 -18.19
CA PHE A 213 -17.23 9.34 -17.22
C PHE A 213 -18.65 9.72 -17.70
N LYS A 214 -18.84 9.79 -18.99
CA LYS A 214 -20.09 10.38 -19.48
C LYS A 214 -21.34 9.53 -19.22
N GLU A 215 -21.15 8.22 -18.96
CA GLU A 215 -22.24 7.32 -18.77
C GLU A 215 -22.52 7.07 -17.33
N SER A 216 -21.99 7.91 -16.43
CA SER A 216 -22.33 7.85 -14.99
C SER A 216 -23.54 8.68 -14.73
N ILE A 217 -24.49 8.05 -14.04
CA ILE A 217 -25.68 8.72 -13.61
C ILE A 217 -25.33 9.74 -12.55
N ARG A 218 -24.47 9.35 -11.60
CA ARG A 218 -24.10 10.28 -10.51
C ARG A 218 -23.37 11.55 -11.01
N HIS A 219 -22.48 11.34 -11.96
CA HIS A 219 -21.73 12.39 -12.56
C HIS A 219 -22.69 13.40 -13.20
N ASN A 220 -23.58 12.90 -14.05
CA ASN A 220 -24.53 13.73 -14.79
C ASN A 220 -25.49 14.43 -13.84
N LEU A 221 -25.96 13.74 -12.81
CA LEU A 221 -26.88 14.27 -11.84
C LEU A 221 -26.26 15.56 -11.17
N VAL A 222 -25.00 15.45 -10.81
CA VAL A 222 -24.32 16.55 -10.16
C VAL A 222 -24.05 17.70 -11.18
N LEU A 223 -23.48 17.38 -12.31
CA LEU A 223 -23.18 18.39 -13.35
C LEU A 223 -24.40 19.18 -13.78
N ASN A 224 -25.50 18.50 -14.12
CA ASN A 224 -26.67 19.12 -14.65
C ASN A 224 -27.25 20.00 -13.58
N LYS A 225 -27.24 19.59 -12.30
CA LYS A 225 -27.83 20.44 -11.31
C LYS A 225 -27.00 21.78 -11.18
N LEU A 226 -25.70 21.65 -11.17
CA LEU A 226 -24.81 22.81 -10.97
C LEU A 226 -24.93 23.76 -12.15
N THR A 227 -24.95 23.28 -13.39
CA THR A 227 -25.12 24.17 -14.54
CA THR A 227 -25.11 24.18 -14.55
C THR A 227 -26.45 24.89 -14.50
N GLU A 228 -27.51 24.26 -14.01
CA GLU A 228 -28.84 24.88 -13.89
C GLU A 228 -28.76 26.02 -12.84
N GLU A 229 -28.15 25.72 -11.70
CA GLU A 229 -28.11 26.67 -10.60
C GLU A 229 -27.28 27.91 -10.88
N TYR A 230 -26.23 27.89 -11.68
CA TYR A 230 -25.36 29.06 -11.84
C TYR A 230 -25.80 30.00 -13.00
N LYS A 231 -26.92 29.65 -13.64
CA LYS A 231 -27.54 30.53 -14.65
C LYS A 231 -26.54 31.18 -15.62
N GLY A 232 -25.61 30.36 -16.13
CA GLY A 232 -24.65 30.77 -17.07
C GLY A 232 -23.41 31.47 -16.49
N GLN A 233 -23.42 31.82 -15.23
CA GLN A 233 -22.25 32.55 -14.67
C GLN A 233 -20.94 31.68 -14.54
N ARG A 234 -21.04 30.34 -14.65
CA ARG A 234 -19.90 29.44 -14.58
C ARG A 234 -20.18 28.22 -15.39
N ASP A 235 -19.15 27.68 -15.98
CA ASP A 235 -19.20 26.54 -16.86
C ASP A 235 -18.75 25.28 -16.11
N PHE A 236 -19.50 24.17 -16.21
CA PHE A 236 -19.11 22.89 -15.56
C PHE A 236 -18.87 21.89 -16.65
N GLN A 237 -17.86 21.07 -16.45
CA GLN A 237 -17.40 20.06 -17.40
C GLN A 237 -16.80 18.87 -16.60
N GLN A 238 -16.49 17.79 -17.32
CA GLN A 238 -15.73 16.70 -16.72
C GLN A 238 -14.33 17.22 -16.40
N ILE A 239 -13.80 16.88 -15.21
CA ILE A 239 -12.37 17.05 -14.93
C ILE A 239 -11.59 16.42 -16.06
N PRO A 240 -10.64 17.15 -16.73
CA PRO A 240 -9.81 16.44 -17.70
C PRO A 240 -8.96 15.40 -16.93
N LEU A 241 -8.96 14.16 -17.38
CA LEU A 241 -8.31 13.03 -16.65
C LEU A 241 -7.42 12.30 -17.59
N ALA A 242 -6.24 12.02 -17.06
CA ALA A 242 -5.24 11.20 -17.77
C ALA A 242 -5.56 9.71 -17.59
N ALA A 243 -6.40 9.16 -18.51
CA ALA A 243 -7.02 7.85 -18.36
C ALA A 243 -7.75 7.41 -19.62
N THR A 244 -7.80 6.09 -19.79
CA THR A 244 -8.51 5.46 -20.90
C THR A 244 -9.43 4.39 -20.27
N ARG A 245 -10.74 4.56 -20.46
CA ARG A 245 -11.63 3.53 -20.04
C ARG A 245 -11.50 2.27 -20.86
N ARG A 246 -11.44 1.17 -20.12
CA ARG A 246 -11.35 -0.18 -20.73
C ARG A 246 -12.69 -0.91 -20.76
N SER A 247 -13.56 -0.65 -19.81
CA SER A 247 -14.85 -1.34 -19.67
C SER A 247 -15.70 -0.45 -18.83
N PRO A 248 -16.97 -0.79 -18.64
CA PRO A 248 -17.79 -0.04 -17.72
C PRO A 248 -17.38 -0.05 -16.25
N THR A 249 -16.55 -1.02 -15.87
CA THR A 249 -16.06 -1.07 -14.53
C THR A 249 -14.57 -1.01 -14.40
N PHE A 250 -13.84 -0.67 -15.45
CA PHE A 250 -12.35 -0.53 -15.29
C PHE A 250 -11.85 0.66 -16.11
N VAL A 251 -11.10 1.52 -15.45
CA VAL A 251 -10.35 2.63 -16.10
C VAL A 251 -8.83 2.35 -15.96
N GLU A 252 -8.12 2.40 -17.09
CA GLU A 252 -6.67 2.41 -17.10
C GLU A 252 -6.15 3.81 -16.86
N TRP A 253 -5.84 4.09 -15.60
CA TRP A 253 -5.33 5.42 -15.19
C TRP A 253 -3.94 5.63 -15.74
N SER A 254 -3.63 6.82 -16.20
CA SER A 254 -2.26 7.04 -16.77
C SER A 254 -1.25 7.29 -15.65
N SER A 255 0.03 7.28 -16.01
CA SER A 255 1.14 7.31 -15.12
C SER A 255 2.41 7.65 -15.97
N ALA A 256 3.54 7.70 -15.27
CA ALA A 256 4.88 7.75 -15.94
C ALA A 256 5.04 6.74 -17.03
N ASN A 257 4.61 5.54 -16.74
CA ASN A 257 4.58 4.43 -17.74
C ASN A 257 3.91 4.79 -19.06
N THR A 258 2.78 5.46 -18.99
CA THR A 258 2.06 5.93 -20.18
C THR A 258 2.95 6.83 -21.04
N VAL A 259 3.72 7.68 -20.38
CA VAL A 259 4.58 8.67 -21.07
C VAL A 259 5.76 7.95 -21.70
N PHE A 260 6.37 7.06 -20.91
CA PHE A 260 7.54 6.33 -21.34
C PHE A 260 7.62 4.99 -20.58
N ASP A 261 7.71 3.88 -21.30
CA ASP A 261 7.50 2.57 -20.68
C ASP A 261 8.67 2.05 -19.77
N LEU A 262 9.82 2.77 -19.77
CA LEU A 262 10.92 2.56 -18.86
C LEU A 262 11.66 1.26 -19.05
N GLN A 263 11.40 0.60 -20.19
CA GLN A 263 12.10 -0.62 -20.55
C GLN A 263 13.47 -0.25 -21.13
N ASN A 264 14.49 -1.06 -20.77
CA ASN A 264 15.81 -0.81 -21.27
C ASN A 264 15.80 -1.04 -22.77
N ARG A 265 16.58 -0.22 -23.39
CA ARG A 265 16.77 -0.20 -24.85
C ARG A 265 18.24 -0.14 -25.17
N PRO A 266 18.68 -0.78 -26.27
CA PRO A 266 17.85 -1.35 -27.33
C PRO A 266 17.02 -2.60 -26.93
N ASN A 267 15.82 -2.76 -27.52
CA ASN A 267 15.04 -3.99 -27.36
C ASN A 267 14.30 -4.25 -28.67
N THR A 268 13.56 -5.36 -28.75
CA THR A 268 12.99 -5.78 -30.04
C THR A 268 12.04 -4.73 -30.61
N ASP A 269 11.29 -4.08 -29.74
CA ASP A 269 10.37 -3.01 -30.13
C ASP A 269 11.08 -1.71 -30.58
N ALA A 270 12.31 -1.50 -30.10
CA ALA A 270 13.05 -0.22 -30.33
C ALA A 270 14.52 -0.53 -30.53
N PRO A 271 14.85 -1.16 -31.65
CA PRO A 271 16.17 -1.71 -31.71
C PRO A 271 17.30 -0.68 -31.86
N GLU A 272 16.93 0.58 -32.14
CA GLU A 272 17.88 1.68 -32.39
C GLU A 272 17.87 2.74 -31.31
N GLU A 273 17.19 2.48 -30.20
CA GLU A 273 17.10 3.40 -29.10
C GLU A 273 18.03 2.91 -27.95
N ARG A 274 18.46 3.82 -27.05
CA ARG A 274 19.45 3.57 -25.98
C ARG A 274 18.94 4.24 -24.71
N PHE A 275 18.53 3.36 -23.79
CA PHE A 275 17.97 3.77 -22.50
C PHE A 275 18.29 2.72 -21.41
N ASN A 276 18.78 3.21 -20.29
CA ASN A 276 19.00 2.35 -19.12
C ASN A 276 18.44 2.98 -17.89
N LEU A 277 17.55 2.27 -17.20
CA LEU A 277 16.99 2.70 -15.90
C LEU A 277 17.77 2.02 -14.77
N PHE A 278 18.24 2.82 -13.80
CA PHE A 278 18.97 2.35 -12.56
C PHE A 278 18.23 2.71 -11.29
N PRO A 279 17.41 1.74 -10.81
CA PRO A 279 16.70 2.04 -9.56
C PRO A 279 17.61 1.81 -8.33
N ALA A 280 17.10 2.24 -7.17
CA ALA A 280 17.83 2.18 -5.87
C ALA A 280 19.20 2.87 -6.03
N VAL A 281 19.21 4.03 -6.72
CA VAL A 281 20.43 4.84 -6.81
C VAL A 281 20.12 6.25 -6.32
N ALA A 282 20.70 6.62 -5.19
CA ALA A 282 20.54 7.94 -4.60
C ALA A 282 21.48 8.88 -5.29
N CYS A 283 20.92 9.86 -6.01
CA CYS A 283 21.74 10.93 -6.68
C CYS A 283 22.05 12.03 -5.64
N GLU A 284 23.32 12.43 -5.42
CA GLU A 284 23.64 13.31 -4.26
C GLU A 284 24.13 14.68 -4.68
N ARG A 285 24.92 14.78 -5.75
CA ARG A 285 25.47 16.10 -6.19
C ARG A 285 25.79 16.10 -7.64
N VAL A 286 25.62 17.27 -8.24
CA VAL A 286 26.17 17.64 -9.56
C VAL A 286 27.41 18.50 -9.35
N VAL A 287 28.51 18.22 -10.07
CA VAL A 287 29.79 18.87 -9.84
C VAL A 287 29.91 20.01 -10.87
N ARG A 288 30.13 21.21 -10.40
CA ARG A 288 30.21 22.40 -11.16
C ARG A 288 31.69 22.57 -11.57
N ASN A 289 31.95 22.98 -12.79
CA ASN A 289 33.26 23.55 -13.08
C ASN A 289 33.51 24.86 -12.38
N ALA A 290 34.78 25.30 -12.40
CA ALA A 290 35.20 26.46 -11.62
C ALA A 290 34.51 27.74 -12.16
N LEU A 291 34.23 27.81 -13.47
CA LEU A 291 33.49 28.92 -14.10
C LEU A 291 32.05 28.99 -13.81
N ASN A 292 31.48 27.97 -13.15
CA ASN A 292 30.04 27.86 -13.01
C ASN A 292 29.32 28.06 -14.33
N SER A 293 29.88 27.41 -15.36
CA SER A 293 29.27 27.40 -16.68
C SER A 293 28.86 26.00 -17.16
N GLU A 294 29.21 24.90 -16.45
CA GLU A 294 28.96 23.57 -16.94
C GLU A 294 29.03 22.57 -15.77
N ILE A 295 28.15 21.55 -15.80
CA ILE A 295 28.21 20.40 -14.95
C ILE A 295 29.12 19.36 -15.60
N GLU A 296 30.04 18.85 -14.77
CA GLU A 296 31.05 17.90 -15.16
C GLU A 296 30.79 16.43 -14.72
N SER A 297 29.91 16.19 -13.74
CA SER A 297 29.58 14.86 -13.30
C SER A 297 28.43 14.85 -12.35
N LEU A 298 27.80 13.67 -12.28
CA LEU A 298 26.76 13.37 -11.28
C LEU A 298 27.34 12.36 -10.25
N HIS A 299 27.31 12.69 -8.97
CA HIS A 299 27.76 11.76 -7.96
C HIS A 299 26.59 11.02 -7.44
N ILE A 300 26.71 9.71 -7.52
CA ILE A 300 25.65 8.76 -7.13
C ILE A 300 26.09 7.77 -6.01
N HIS A 301 25.12 7.24 -5.28
CA HIS A 301 25.27 6.24 -4.23
C HIS A 301 24.33 5.05 -4.57
N ASP A 302 24.91 3.92 -4.98
CA ASP A 302 24.16 2.69 -5.22
C ASP A 302 23.76 2.08 -3.85
N LEU A 303 22.46 2.05 -3.59
CA LEU A 303 21.92 1.70 -2.31
C LEU A 303 21.99 0.21 -2.01
N ILE A 304 22.14 -0.63 -3.02
CA ILE A 304 22.09 -2.12 -2.90
C ILE A 304 23.53 -2.53 -2.54
N SER A 305 24.48 -2.17 -3.38
CA SER A 305 25.93 -2.43 -3.09
C SER A 305 26.62 -1.49 -2.07
N GLY A 306 26.08 -0.31 -1.85
CA GLY A 306 26.69 0.66 -0.99
C GLY A 306 27.78 1.50 -1.64
N ASP A 307 28.16 1.21 -2.86
CA ASP A 307 29.22 1.97 -3.48
C ASP A 307 28.77 3.32 -4.04
N ARG A 308 29.78 4.20 -4.18
CA ARG A 308 29.61 5.53 -4.75
C ARG A 308 30.35 5.67 -6.09
N PHE A 309 29.73 6.34 -7.06
CA PHE A 309 30.28 6.52 -8.41
C PHE A 309 30.06 7.95 -8.93
N GLU A 310 30.84 8.32 -9.93
CA GLU A 310 30.91 9.66 -10.51
C GLU A 310 30.52 9.46 -11.99
N ILE A 311 29.28 9.81 -12.42
CA ILE A 311 28.76 9.53 -13.81
C ILE A 311 28.87 10.76 -14.71
N LYS A 312 29.34 10.52 -15.93
CA LYS A 312 29.58 11.59 -16.90
C LYS A 312 28.48 11.59 -17.99
N ALA A 313 28.00 12.77 -18.34
CA ALA A 313 27.03 12.95 -19.38
C ALA A 313 27.31 14.24 -20.12
N ASP A 314 26.75 14.42 -21.32
CA ASP A 314 26.78 15.74 -21.99
C ASP A 314 25.75 16.68 -21.37
N VAL A 315 24.60 16.12 -20.99
CA VAL A 315 23.45 16.88 -20.55
C VAL A 315 22.94 16.24 -19.27
N TYR A 316 22.67 17.06 -18.21
CA TYR A 316 22.15 16.65 -16.88
C TYR A 316 20.78 17.25 -16.68
N VAL A 317 19.82 16.36 -16.39
CA VAL A 317 18.42 16.74 -16.14
C VAL A 317 17.97 16.34 -14.77
N LEU A 318 17.54 17.31 -13.95
CA LEU A 318 17.03 17.02 -12.62
C LEU A 318 15.51 17.08 -12.58
N THR A 319 14.93 15.93 -12.34
CA THR A 319 13.47 15.76 -12.27
C THR A 319 13.13 14.90 -11.01
N ALA A 320 13.59 15.39 -9.85
CA ALA A 320 13.50 14.60 -8.57
C ALA A 320 12.39 15.12 -7.66
N GLY A 321 11.57 15.99 -8.23
CA GLY A 321 10.49 16.60 -7.45
C GLY A 321 10.84 17.97 -6.94
N ALA A 322 9.83 18.77 -6.57
CA ALA A 322 10.04 20.14 -6.13
C ALA A 322 10.95 20.24 -4.88
N VAL A 323 10.84 19.29 -3.94
CA VAL A 323 11.71 19.25 -2.77
C VAL A 323 13.09 18.79 -3.05
N HIS A 324 13.16 17.61 -3.72
CA HIS A 324 14.43 16.88 -3.89
C HIS A 324 15.33 17.44 -4.98
N ASN A 325 14.77 18.15 -5.94
CA ASN A 325 15.60 18.92 -6.91
C ASN A 325 16.34 20.03 -6.15
N THR A 326 15.65 20.69 -5.22
CA THR A 326 16.21 21.80 -4.48
C THR A 326 17.31 21.25 -3.51
N GLN A 327 17.03 20.11 -2.89
CA GLN A 327 18.02 19.44 -2.01
C GLN A 327 19.30 19.12 -2.75
N LEU A 328 19.17 18.55 -3.95
CA LEU A 328 20.31 18.16 -4.68
C LEU A 328 21.17 19.39 -5.08
N LEU A 329 20.48 20.42 -5.59
CA LEU A 329 21.14 21.68 -5.96
C LEU A 329 21.87 22.30 -4.75
N VAL A 330 21.15 22.43 -3.63
CA VAL A 330 21.82 23.02 -2.43
C VAL A 330 23.01 22.14 -1.92
N ASN A 331 22.88 20.81 -2.08
CA ASN A 331 23.99 19.89 -1.71
C ASN A 331 25.14 20.00 -2.63
N SER A 332 24.88 20.69 -3.74
CA SER A 332 25.89 20.92 -4.81
C SER A 332 26.58 22.30 -4.86
N GLY A 333 26.23 23.16 -3.91
CA GLY A 333 26.72 24.55 -3.81
C GLY A 333 25.92 25.62 -4.54
N PHE A 334 24.67 25.32 -4.97
CA PHE A 334 23.77 26.40 -5.37
C PHE A 334 23.00 26.91 -4.16
N GLY A 335 22.57 28.17 -4.23
CA GLY A 335 21.76 28.70 -3.16
C GLY A 335 22.64 28.74 -1.95
N GLN A 336 21.95 28.68 -0.78
CA GLN A 336 22.57 28.79 0.52
C GLN A 336 22.21 27.54 1.37
N LEU A 337 23.22 26.83 1.85
CA LEU A 337 23.02 25.79 2.89
C LEU A 337 22.79 26.34 4.29
N GLY A 338 21.87 25.77 5.05
CA GLY A 338 21.60 26.22 6.38
C GLY A 338 20.51 27.23 6.59
N ARG A 339 20.33 27.61 7.83
CA ARG A 339 19.28 28.54 8.19
C ARG A 339 19.50 29.85 7.37
N PRO A 340 18.43 30.41 6.76
CA PRO A 340 18.71 31.58 5.93
C PRO A 340 19.39 32.72 6.72
N ASN A 341 20.35 33.33 6.05
CA ASN A 341 21.25 34.29 6.66
C ASN A 341 21.49 35.36 5.60
N PRO A 342 20.69 36.42 5.68
CA PRO A 342 20.65 37.45 4.65
C PRO A 342 21.90 38.37 4.63
N ALA A 343 22.69 38.35 5.72
CA ALA A 343 24.01 38.99 5.76
C ALA A 343 25.03 38.32 4.82
N ASN A 344 24.89 37.02 4.52
CA ASN A 344 25.82 36.30 3.61
C ASN A 344 25.07 35.83 2.38
N PRO A 345 24.56 36.76 1.53
CA PRO A 345 23.81 36.32 0.34
C PRO A 345 24.53 35.22 -0.50
N PRO A 346 23.79 34.25 -1.03
CA PRO A 346 24.39 33.21 -1.89
C PRO A 346 24.98 33.73 -3.20
N GLU A 347 26.10 33.19 -3.59
CA GLU A 347 26.71 33.60 -4.85
C GLU A 347 25.95 33.03 -6.08
N LEU A 348 25.54 31.77 -6.02
CA LEU A 348 24.80 31.16 -7.17
C LEU A 348 23.36 30.96 -6.85
N LEU A 349 22.45 31.34 -7.79
CA LEU A 349 21.04 31.10 -7.68
C LEU A 349 20.46 31.55 -6.34
N PRO A 350 20.61 32.86 -6.10
CA PRO A 350 20.09 33.35 -4.82
C PRO A 350 18.60 33.16 -4.57
N SER A 351 17.80 33.03 -5.63
CA SER A 351 16.35 32.83 -5.53
C SER A 351 15.99 31.34 -5.24
N LEU A 352 16.97 30.39 -5.30
CA LEU A 352 16.70 28.99 -5.05
C LEU A 352 16.10 28.76 -3.65
N GLY A 353 14.94 28.10 -3.60
CA GLY A 353 14.27 27.79 -2.32
C GLY A 353 13.47 28.93 -1.76
N SER A 354 13.37 30.06 -2.44
CA SER A 354 12.59 31.24 -2.00
C SER A 354 11.42 31.36 -2.98
N TYR A 355 10.43 32.13 -2.61
CA TYR A 355 9.18 32.28 -3.39
C TYR A 355 8.37 30.99 -3.54
N ILE A 356 8.52 30.07 -2.60
CA ILE A 356 7.78 28.85 -2.65
C ILE A 356 6.29 29.10 -2.54
N THR A 357 5.50 28.30 -3.29
CA THR A 357 4.05 28.37 -3.25
C THR A 357 3.51 26.97 -2.93
N GLU A 358 2.50 26.92 -2.10
CA GLU A 358 1.69 25.74 -1.98
C GLU A 358 0.27 26.26 -1.83
N GLN A 359 -0.66 25.51 -2.34
CA GLN A 359 -2.08 25.91 -2.38
C GLN A 359 -2.78 25.73 -1.07
N SER A 360 -3.70 26.60 -0.75
CA SER A 360 -4.72 26.30 0.27
C SER A 360 -5.74 25.30 -0.29
N LEU A 361 -6.13 24.33 0.56
CA LEU A 361 -7.10 23.26 0.15
C LEU A 361 -8.25 23.22 1.16
N VAL A 362 -9.48 23.34 0.70
CA VAL A 362 -10.64 23.11 1.55
C VAL A 362 -11.34 21.86 0.97
N PHE A 363 -11.98 21.12 1.93
CA PHE A 363 -12.58 19.81 1.60
C PHE A 363 -13.81 19.61 2.41
N CYS A 364 -14.80 18.93 1.82
CA CYS A 364 -15.91 18.34 2.57
C CYS A 364 -16.44 17.21 1.71
N GLN A 365 -17.30 16.41 2.30
CA GLN A 365 -18.17 15.52 1.56
C GLN A 365 -19.68 15.84 1.79
N THR A 366 -20.53 15.57 0.81
CA THR A 366 -21.98 15.76 0.87
C THR A 366 -22.76 14.47 0.68
N VAL A 367 -24.01 14.46 1.16
CA VAL A 367 -24.94 13.36 0.97
C VAL A 367 -26.07 13.83 0.00
N MET A 368 -26.21 13.23 -1.17
CA MET A 368 -27.13 13.70 -2.21
C MET A 368 -28.53 14.00 -1.71
N SER A 369 -29.10 15.13 -2.17
CA SER A 369 -30.39 15.55 -1.75
C SER A 369 -31.52 14.63 -2.15
N THR A 370 -32.55 14.54 -1.33
CA THR A 370 -33.74 13.80 -1.67
C THR A 370 -34.29 14.24 -3.07
N GLU A 371 -34.23 15.55 -3.40
CA GLU A 371 -34.74 16.06 -4.66
C GLU A 371 -33.96 15.51 -5.80
N LEU A 372 -32.62 15.45 -5.69
CA LEU A 372 -31.85 14.89 -6.79
C LEU A 372 -32.08 13.39 -6.96
N ILE A 373 -32.16 12.69 -5.87
CA ILE A 373 -32.35 11.21 -6.01
C ILE A 373 -33.73 10.94 -6.65
N ASP A 374 -34.78 11.63 -6.21
CA ASP A 374 -36.05 11.55 -6.88
C ASP A 374 -35.98 11.90 -8.35
N SER A 375 -35.11 12.84 -8.74
N SER A 375 -35.11 12.88 -8.71
CA SER A 375 -35.04 13.20 -10.16
CA SER A 375 -34.91 13.27 -10.14
C SER A 375 -34.47 12.10 -11.04
C SER A 375 -34.52 12.08 -10.99
N VAL A 376 -33.69 11.19 -10.46
CA VAL A 376 -33.13 10.08 -11.23
C VAL A 376 -34.27 9.29 -11.91
N LYS A 377 -35.35 9.09 -11.20
CA LYS A 377 -36.48 8.24 -11.63
C LYS A 377 -37.68 9.05 -12.10
N SER A 378 -37.45 10.30 -12.53
CA SER A 378 -38.55 11.18 -12.94
C SER A 378 -39.34 10.71 -14.17
N ASP A 379 -38.75 9.92 -15.06
CA ASP A 379 -39.40 9.46 -16.28
C ASP A 379 -40.23 8.15 -16.01
N MET A 380 -40.06 7.57 -14.83
CA MET A 380 -40.65 6.25 -14.54
C MET A 380 -42.10 6.41 -14.08
N THR A 381 -42.95 5.46 -14.51
CA THR A 381 -44.25 5.24 -13.91
C THR A 381 -44.13 4.06 -12.94
N ILE A 382 -44.42 4.32 -11.67
CA ILE A 382 -44.16 3.28 -10.64
C ILE A 382 -45.49 2.99 -9.98
N ARG A 383 -45.84 1.70 -9.97
CA ARG A 383 -47.04 1.24 -9.30
C ARG A 383 -46.71 0.17 -8.29
N GLY A 384 -47.41 0.21 -7.17
CA GLY A 384 -47.30 -0.85 -6.19
C GLY A 384 -46.18 -0.62 -5.25
N THR A 385 -45.92 -1.66 -4.45
CA THR A 385 -44.93 -1.58 -3.38
C THR A 385 -43.81 -2.58 -3.68
N PRO A 386 -42.57 -2.10 -3.58
CA PRO A 386 -41.44 -2.99 -3.89
C PRO A 386 -41.51 -4.28 -3.11
N GLY A 387 -41.17 -5.36 -3.76
CA GLY A 387 -41.22 -6.68 -3.13
C GLY A 387 -42.52 -7.44 -3.29
N GLU A 388 -43.56 -6.78 -3.76
CA GLU A 388 -44.88 -7.39 -3.88
C GLU A 388 -45.17 -7.73 -5.34
N LEU A 389 -46.15 -8.62 -5.58
CA LEU A 389 -46.42 -9.13 -6.93
C LEU A 389 -46.95 -8.06 -7.88
N THR A 390 -47.53 -7.02 -7.35
CA THR A 390 -48.14 -5.98 -8.16
C THR A 390 -47.13 -4.94 -8.62
N TYR A 391 -45.88 -4.97 -8.11
CA TYR A 391 -44.96 -3.82 -8.31
C TYR A 391 -44.48 -3.77 -9.73
N SER A 392 -44.50 -2.57 -10.33
CA SER A 392 -43.89 -2.37 -11.70
C SER A 392 -43.33 -0.93 -11.91
N VAL A 393 -42.27 -0.86 -12.73
CA VAL A 393 -41.56 0.35 -13.09
C VAL A 393 -41.49 0.30 -14.59
N THR A 394 -42.03 1.35 -15.23
CA THR A 394 -42.00 1.45 -16.69
C THR A 394 -41.63 2.88 -17.14
N TYR A 395 -41.12 2.99 -18.35
CA TYR A 395 -40.94 4.28 -19.01
C TYR A 395 -41.24 4.07 -20.47
N THR A 396 -41.46 5.15 -21.20
CA THR A 396 -41.65 5.05 -22.67
C THR A 396 -40.33 5.39 -23.43
N PRO A 397 -39.71 4.42 -24.13
CA PRO A 397 -38.49 4.65 -24.87
C PRO A 397 -38.66 5.69 -25.97
N GLY A 398 -37.72 6.62 -25.98
CA GLY A 398 -37.66 7.74 -26.92
C GLY A 398 -38.67 8.85 -26.79
N ALA A 399 -39.51 8.85 -25.76
CA ALA A 399 -40.46 9.92 -25.62
C ALA A 399 -39.77 11.28 -25.57
N SER A 400 -40.29 12.26 -26.32
CA SER A 400 -39.65 13.58 -26.35
C SER A 400 -39.84 14.31 -25.02
N THR A 401 -40.86 13.97 -24.23
CA THR A 401 -40.99 14.58 -22.92
C THR A 401 -40.20 13.89 -21.76
N ASN A 402 -39.44 12.84 -22.06
CA ASN A 402 -38.53 12.26 -21.03
C ASN A 402 -37.39 13.25 -20.75
N LYS A 403 -37.00 13.33 -19.48
CA LYS A 403 -35.86 14.20 -19.10
C LYS A 403 -34.55 13.52 -19.43
N HIS A 404 -34.54 12.20 -19.45
CA HIS A 404 -33.31 11.41 -19.64
C HIS A 404 -33.34 10.51 -20.82
N PRO A 405 -32.16 10.20 -21.36
CA PRO A 405 -32.14 9.32 -22.51
C PRO A 405 -32.42 7.88 -22.14
N ASP A 406 -32.66 7.08 -23.15
CA ASP A 406 -33.04 5.68 -22.92
C ASP A 406 -32.03 4.85 -22.15
N TRP A 407 -30.73 5.05 -22.37
CA TRP A 407 -29.75 4.28 -21.61
C TRP A 407 -29.90 4.42 -20.14
N TRP A 408 -30.21 5.65 -19.74
CA TRP A 408 -30.36 6.01 -18.37
C TRP A 408 -31.62 5.39 -17.75
N ASN A 409 -32.71 5.52 -18.49
CA ASN A 409 -33.92 4.97 -18.02
C ASN A 409 -33.92 3.45 -17.97
N GLU A 410 -33.29 2.81 -18.96
CA GLU A 410 -33.14 1.33 -19.01
C GLU A 410 -32.31 0.87 -17.75
N LYS A 411 -31.21 1.58 -17.45
CA LYS A 411 -30.45 1.25 -16.21
C LYS A 411 -31.27 1.38 -14.96
N VAL A 412 -31.99 2.48 -14.85
CA VAL A 412 -32.74 2.73 -13.66
C VAL A 412 -33.93 1.75 -13.54
N LYS A 413 -34.61 1.46 -14.62
CA LYS A 413 -35.67 0.48 -14.60
C LYS A 413 -35.19 -0.90 -14.19
N ASN A 414 -34.15 -1.34 -14.80
CA ASN A 414 -33.62 -2.60 -14.43
C ASN A 414 -33.11 -2.74 -13.01
N HIS A 415 -32.47 -1.72 -12.49
CA HIS A 415 -32.00 -1.68 -11.11
C HIS A 415 -33.22 -1.77 -10.16
N MET A 416 -34.18 -0.94 -10.44
CA MET A 416 -35.39 -0.91 -9.58
C MET A 416 -36.21 -2.23 -9.64
N MET A 417 -36.30 -2.92 -10.78
CA MET A 417 -37.11 -4.12 -10.88
C MET A 417 -36.28 -5.35 -10.41
N GLN A 418 -34.99 -5.38 -10.68
CA GLN A 418 -34.16 -6.51 -10.31
C GLN A 418 -33.65 -6.52 -8.87
N HIS A 419 -33.69 -5.38 -8.18
CA HIS A 419 -33.16 -5.15 -6.84
C HIS A 419 -34.17 -4.42 -6.02
N GLN A 420 -35.33 -5.04 -5.84
CA GLN A 420 -36.47 -4.40 -5.16
C GLN A 420 -36.19 -4.26 -3.65
N GLU A 421 -35.16 -4.91 -3.14
CA GLU A 421 -34.75 -4.63 -1.78
C GLU A 421 -33.93 -3.35 -1.61
N ASP A 422 -33.53 -2.75 -2.71
CA ASP A 422 -32.66 -1.61 -2.59
C ASP A 422 -33.50 -0.34 -2.73
N PRO A 423 -33.28 0.66 -1.86
CA PRO A 423 -34.17 1.85 -1.92
C PRO A 423 -33.75 2.99 -2.82
N LEU A 424 -32.65 2.86 -3.53
CA LEU A 424 -32.09 3.89 -4.38
C LEU A 424 -32.24 3.52 -5.87
N PRO A 425 -32.40 4.55 -6.70
CA PRO A 425 -32.66 4.29 -8.11
C PRO A 425 -31.35 4.23 -8.93
N ILE A 426 -30.22 4.51 -8.30
CA ILE A 426 -28.89 4.45 -8.93
C ILE A 426 -28.30 3.06 -8.98
N PRO A 427 -27.90 2.57 -10.18
CA PRO A 427 -27.31 1.23 -10.21
C PRO A 427 -26.07 1.04 -9.37
N PHE A 428 -25.84 -0.18 -8.92
CA PHE A 428 -24.80 -0.48 -7.98
C PHE A 428 -23.39 -0.06 -8.46
N GLU A 429 -23.10 -0.38 -9.72
CA GLU A 429 -21.82 -0.19 -10.30
C GLU A 429 -21.73 1.14 -11.06
N ASP A 430 -22.61 2.08 -10.77
CA ASP A 430 -22.52 3.36 -11.51
C ASP A 430 -21.18 4.05 -11.24
N PRO A 431 -20.51 4.53 -12.27
CA PRO A 431 -19.20 5.14 -11.96
C PRO A 431 -19.31 6.46 -11.19
N GLU A 432 -18.17 6.90 -10.65
CA GLU A 432 -18.19 8.09 -9.77
C GLU A 432 -18.31 9.45 -10.54
N PRO A 433 -18.78 10.48 -9.88
CA PRO A 433 -18.77 11.83 -10.48
C PRO A 433 -17.32 12.33 -10.67
N GLN A 434 -17.13 13.15 -11.71
CA GLN A 434 -15.79 13.76 -12.01
C GLN A 434 -16.03 15.20 -12.59
N VAL A 435 -16.52 16.11 -11.80
CA VAL A 435 -17.01 17.40 -12.23
C VAL A 435 -16.05 18.52 -11.75
N THR A 436 -15.89 19.54 -12.60
CA THR A 436 -15.14 20.78 -12.29
C THR A 436 -15.76 22.01 -12.91
N THR A 437 -15.63 23.14 -12.19
CA THR A 437 -15.69 24.44 -12.86
C THR A 437 -14.33 25.06 -12.71
N LEU A 438 -13.68 25.26 -13.83
CA LEU A 438 -12.33 25.71 -13.79
C LEU A 438 -12.14 27.12 -13.30
N PHE A 439 -10.98 27.35 -12.68
CA PHE A 439 -10.52 28.67 -12.24
C PHE A 439 -10.90 29.80 -13.22
N GLN A 440 -11.41 30.90 -12.66
CA GLN A 440 -11.75 32.13 -13.46
C GLN A 440 -11.49 33.33 -12.62
N PRO A 441 -11.26 34.52 -13.24
CA PRO A 441 -11.02 35.73 -12.44
C PRO A 441 -11.99 35.99 -11.30
N SER A 442 -13.28 35.73 -11.53
CA SER A 442 -14.33 35.85 -10.52
C SER A 442 -14.48 34.68 -9.50
N HIS A 443 -13.79 33.58 -9.76
CA HIS A 443 -13.76 32.43 -8.79
C HIS A 443 -12.37 31.84 -8.95
N PRO A 444 -11.34 32.53 -8.41
CA PRO A 444 -9.96 32.20 -8.64
C PRO A 444 -9.44 31.00 -7.82
N TRP A 445 -10.09 29.89 -8.02
CA TRP A 445 -9.72 28.62 -7.40
C TRP A 445 -10.08 27.51 -8.33
N HIS A 446 -9.36 26.37 -8.24
CA HIS A 446 -9.76 25.20 -8.97
C HIS A 446 -10.74 24.39 -8.18
N THR A 447 -11.61 23.61 -8.84
CA THR A 447 -12.58 22.83 -8.11
C THR A 447 -12.65 21.43 -8.60
N GLN A 448 -12.92 20.50 -7.67
CA GLN A 448 -13.12 19.10 -8.04
C GLN A 448 -14.28 18.62 -7.24
N ILE A 449 -15.24 18.02 -7.96
CA ILE A 449 -16.52 17.58 -7.32
C ILE A 449 -16.60 16.12 -7.81
N HIS A 450 -16.20 15.14 -6.96
CA HIS A 450 -15.70 13.91 -7.46
C HIS A 450 -15.63 12.88 -6.36
N ARG A 451 -15.05 11.73 -6.67
CA ARG A 451 -14.66 10.78 -5.65
C ARG A 451 -13.16 10.42 -5.75
N ASP A 452 -12.38 10.88 -4.78
CA ASP A 452 -10.90 10.70 -4.77
C ASP A 452 -10.61 9.46 -4.00
N ALA A 453 -9.69 8.64 -4.47
CA ALA A 453 -9.23 7.55 -3.58
C ALA A 453 -8.50 7.94 -2.30
N PHE A 454 -7.85 9.11 -2.24
CA PHE A 454 -7.19 9.60 -1.03
C PHE A 454 -8.19 10.24 -0.06
N SER A 455 -9.21 9.54 0.46
CA SER A 455 -10.07 10.17 1.50
C SER A 455 -9.21 10.58 2.74
N TYR A 456 -9.83 11.39 3.60
CA TYR A 456 -9.13 12.07 4.71
C TYR A 456 -9.83 11.85 6.07
N GLN A 461 -18.64 4.51 5.26
CA GLN A 461 -19.21 3.29 5.79
C GLN A 461 -20.71 3.22 6.04
N SER A 462 -21.34 4.04 6.93
CA SER A 462 -22.78 3.84 7.19
C SER A 462 -23.73 4.49 6.16
N ILE A 463 -23.32 5.57 5.53
CA ILE A 463 -24.12 6.19 4.46
C ILE A 463 -23.79 5.53 3.11
N ASP A 464 -24.81 5.19 2.33
CA ASP A 464 -24.57 4.51 1.04
C ASP A 464 -23.59 5.31 0.18
N SER A 465 -22.58 4.63 -0.38
CA SER A 465 -21.59 5.33 -1.18
CA SER A 465 -21.58 5.36 -1.12
C SER A 465 -22.12 6.06 -2.40
N ARG A 466 -23.22 5.53 -2.98
CA ARG A 466 -23.83 6.20 -4.16
C ARG A 466 -24.25 7.64 -3.88
N LEU A 467 -24.47 7.96 -2.63
CA LEU A 467 -24.91 9.26 -2.28
C LEU A 467 -23.78 10.27 -2.02
N ILE A 468 -22.55 9.81 -1.88
CA ILE A 468 -21.45 10.59 -1.42
C ILE A 468 -20.68 11.26 -2.52
N VAL A 469 -20.36 12.56 -2.32
CA VAL A 469 -19.60 13.30 -3.31
C VAL A 469 -18.53 14.10 -2.50
N ASP A 470 -17.35 14.09 -3.02
CA ASP A 470 -16.24 14.90 -2.43
C ASP A 470 -16.18 16.24 -3.10
N TRP A 471 -15.76 17.23 -2.33
CA TRP A 471 -15.49 18.57 -2.77
C TRP A 471 -14.13 19.03 -2.36
N ARG A 472 -13.28 19.36 -3.34
CA ARG A 472 -11.96 19.93 -3.10
C ARG A 472 -11.78 21.19 -3.93
N PHE A 473 -11.60 22.33 -3.21
CA PHE A 473 -11.32 23.64 -3.85
C PHE A 473 -9.91 24.08 -3.44
N PHE A 474 -9.13 24.44 -4.47
CA PHE A 474 -7.72 24.71 -4.36
C PHE A 474 -7.40 26.16 -4.72
N GLY A 475 -6.78 26.88 -3.79
CA GLY A 475 -6.47 28.31 -3.92
C GLY A 475 -5.10 28.55 -4.55
N ARG A 476 -4.93 29.70 -5.11
CA ARG A 476 -3.63 30.13 -5.59
C ARG A 476 -2.88 30.92 -4.52
N THR A 477 -1.59 30.73 -4.49
CA THR A 477 -0.73 31.38 -3.45
C THR A 477 0.32 32.33 -4.10
N GLU A 478 0.29 33.57 -3.66
CA GLU A 478 1.21 34.63 -4.14
C GLU A 478 2.66 34.15 -3.77
N PRO A 479 3.57 34.21 -4.75
CA PRO A 479 4.97 33.94 -4.44
C PRO A 479 5.62 35.05 -3.62
N LYS A 480 6.17 34.74 -2.44
CA LYS A 480 6.81 35.79 -1.64
C LYS A 480 8.18 35.32 -1.25
N GLU A 481 9.13 36.22 -1.29
CA GLU A 481 10.53 35.82 -1.07
CA GLU A 481 10.56 35.90 -1.01
C GLU A 481 10.74 35.20 0.35
N GLU A 482 9.99 35.63 1.33
CA GLU A 482 10.10 35.09 2.66
C GLU A 482 9.55 33.67 2.88
N ASN A 483 8.85 33.09 1.92
CA ASN A 483 8.34 31.72 2.01
C ASN A 483 9.45 30.86 1.35
N LYS A 484 10.03 30.00 2.21
CA LYS A 484 11.28 29.28 1.99
C LYS A 484 11.25 27.83 2.31
N LEU A 485 11.95 27.06 1.44
CA LEU A 485 12.39 25.68 1.71
C LEU A 485 13.91 25.80 1.81
N TRP A 486 14.45 25.41 2.94
CA TRP A 486 15.91 25.42 3.16
C TRP A 486 16.37 24.05 3.77
N PHE A 487 17.67 23.83 3.80
CA PHE A 487 18.26 22.56 4.18
C PHE A 487 19.26 22.73 5.32
N SER A 488 19.14 21.90 6.36
CA SER A 488 20.00 22.04 7.56
C SER A 488 21.46 21.74 7.18
N ASP A 489 22.38 22.45 7.81
CA ASP A 489 23.78 22.20 7.69
C ASP A 489 24.26 21.18 8.73
N LYS A 490 23.36 20.71 9.61
CA LYS A 490 23.76 19.76 10.59
C LYS A 490 22.84 18.54 10.62
N ILE A 491 21.53 18.70 10.48
CA ILE A 491 20.58 17.57 10.56
C ILE A 491 20.49 16.95 9.17
N THR A 492 20.49 15.60 9.11
CA THR A 492 20.35 14.87 7.82
C THR A 492 19.12 13.97 7.85
N ASP A 493 18.63 13.64 6.68
CA ASP A 493 17.47 12.84 6.45
C ASP A 493 17.84 11.34 6.38
N ALA A 494 16.87 10.46 6.01
CA ALA A 494 17.15 9.03 6.09
C ALA A 494 18.18 8.59 5.01
N TYR A 495 18.48 9.44 4.00
CA TYR A 495 19.49 9.16 3.00
C TYR A 495 20.80 9.96 3.19
N ASN A 496 21.02 10.40 4.42
CA ASN A 496 22.18 11.18 4.76
CA ASN A 496 22.18 11.19 4.75
C ASN A 496 22.36 12.46 3.91
N MET A 497 21.27 13.13 3.66
CA MET A 497 21.27 14.36 2.87
C MET A 497 20.76 15.45 3.75
N PRO A 498 21.08 16.71 3.41
CA PRO A 498 20.69 17.85 4.27
C PRO A 498 19.16 17.86 4.49
N GLN A 499 18.75 17.92 5.76
CA GLN A 499 17.31 17.79 6.14
C GLN A 499 16.49 19.00 5.67
N PRO A 500 15.42 18.76 4.87
CA PRO A 500 14.54 19.89 4.43
C PRO A 500 13.79 20.50 5.61
N THR A 501 13.63 21.81 5.56
CA THR A 501 12.97 22.62 6.57
C THR A 501 12.16 23.69 5.89
N PHE A 502 10.91 23.88 6.31
CA PHE A 502 10.07 24.90 5.67
C PHE A 502 9.95 26.09 6.63
N ASP A 503 9.88 27.26 6.03
CA ASP A 503 9.52 28.47 6.70
C ASP A 503 8.47 29.11 5.82
N PHE A 504 7.21 28.79 6.12
CA PHE A 504 6.06 29.05 5.27
C PHE A 504 4.88 29.54 6.14
N ARG A 505 4.26 30.62 5.61
CA ARG A 505 2.88 31.02 5.95
C ARG A 505 2.15 31.54 4.71
N PHE A 506 0.84 31.24 4.63
CA PHE A 506 0.05 31.79 3.53
C PHE A 506 0.12 33.33 3.64
N PRO A 507 0.49 34.00 2.53
CA PRO A 507 0.63 35.46 2.59
C PRO A 507 -0.64 36.16 3.01
N ALA A 508 -0.53 37.17 3.86
CA ALA A 508 -1.67 38.02 4.13
C ALA A 508 -2.05 38.74 2.76
N GLY A 509 -3.16 39.43 2.75
CA GLY A 509 -3.62 40.07 1.58
C GLY A 509 -4.35 39.10 0.76
N ARG A 510 -4.11 39.17 -0.55
CA ARG A 510 -4.98 38.50 -1.47
C ARG A 510 -5.09 36.96 -1.31
N THR A 511 -3.97 36.28 -1.09
CA THR A 511 -4.00 34.86 -0.81
C THR A 511 -4.94 34.43 0.34
N SER A 512 -4.87 35.19 1.39
CA SER A 512 -5.68 34.86 2.56
C SER A 512 -7.13 35.23 2.31
N LYS A 513 -7.41 36.41 1.74
CA LYS A 513 -8.79 36.73 1.41
C LYS A 513 -9.44 35.71 0.49
N GLU A 514 -8.72 35.40 -0.55
CA GLU A 514 -9.23 34.44 -1.49
C GLU A 514 -9.40 33.06 -0.86
N ALA A 515 -8.56 32.67 0.12
CA ALA A 515 -8.73 31.33 0.72
C ALA A 515 -10.03 31.23 1.45
N GLU A 516 -10.35 32.25 2.18
CA GLU A 516 -11.61 32.28 2.85
C GLU A 516 -12.84 32.45 1.97
N ASP A 517 -12.73 33.25 0.92
CA ASP A 517 -13.79 33.35 -0.07
C ASP A 517 -14.02 31.99 -0.73
N MET A 518 -12.93 31.26 -0.93
CA MET A 518 -12.97 29.88 -1.52
C MET A 518 -13.70 28.89 -0.63
N MET A 519 -13.45 28.96 0.67
CA MET A 519 -14.17 28.11 1.61
C MET A 519 -15.65 28.47 1.52
N THR A 520 -16.03 29.77 1.55
CA THR A 520 -17.43 30.13 1.45
C THR A 520 -18.07 29.61 0.18
N ASP A 521 -17.35 29.69 -0.93
CA ASP A 521 -17.83 29.26 -2.22
C ASP A 521 -18.09 27.75 -2.21
N MET A 522 -17.26 26.98 -1.51
CA MET A 522 -17.51 25.54 -1.44
C MET A 522 -18.76 25.25 -0.62
N CYS A 523 -18.91 26.00 0.45
CA CYS A 523 -20.10 25.84 1.26
C CYS A 523 -21.40 26.19 0.53
N VAL A 524 -21.38 27.28 -0.20
CA VAL A 524 -22.51 27.70 -1.04
C VAL A 524 -22.82 26.72 -2.20
N MET A 525 -21.79 26.29 -2.95
CA MET A 525 -21.97 25.36 -4.11
C MET A 525 -22.41 23.98 -3.64
N SER A 526 -21.84 23.49 -2.54
CA SER A 526 -22.07 22.09 -2.18
C SER A 526 -23.53 21.93 -1.75
N ALA A 527 -24.08 22.94 -1.06
CA ALA A 527 -25.41 22.97 -0.60
C ALA A 527 -26.46 22.77 -1.73
N LYS A 528 -26.09 23.08 -2.99
CA LYS A 528 -26.99 22.84 -4.17
C LYS A 528 -27.16 21.34 -4.45
N ILE A 529 -26.20 20.53 -3.99
CA ILE A 529 -26.19 19.10 -4.18
C ILE A 529 -26.71 18.30 -3.00
N GLY A 530 -26.34 18.72 -1.79
CA GLY A 530 -26.85 18.08 -0.61
C GLY A 530 -26.15 18.63 0.60
N GLY A 531 -26.54 18.20 1.76
CA GLY A 531 -25.83 18.65 3.00
C GLY A 531 -24.55 17.95 3.27
N PHE A 532 -23.72 18.49 4.16
CA PHE A 532 -22.44 17.84 4.47
C PHE A 532 -22.68 16.46 5.11
N LEU A 533 -21.78 15.55 4.81
CA LEU A 533 -21.68 14.23 5.49
C LEU A 533 -21.01 14.42 6.82
N PRO A 534 -21.69 14.05 7.90
CA PRO A 534 -21.08 14.07 9.25
C PRO A 534 -19.71 13.34 9.27
N GLY A 535 -18.73 13.98 9.87
CA GLY A 535 -17.35 13.48 9.87
C GLY A 535 -16.48 13.90 8.69
N SER A 536 -17.10 14.59 7.73
CA SER A 536 -16.43 15.20 6.58
C SER A 536 -16.95 16.64 6.40
N LEU A 537 -16.89 17.39 7.48
CA LEU A 537 -17.43 18.76 7.52
C LEU A 537 -16.45 19.73 6.81
N PRO A 538 -16.89 20.93 6.36
CA PRO A 538 -15.99 21.86 5.63
C PRO A 538 -14.76 22.27 6.44
N GLN A 539 -13.61 22.04 5.90
CA GLN A 539 -12.40 22.30 6.61
C GLN A 539 -11.24 22.68 5.73
N PHE A 540 -10.26 23.40 6.25
CA PHE A 540 -8.92 23.53 5.60
C PHE A 540 -8.10 22.30 5.93
N MET A 541 -7.44 21.76 4.94
CA MET A 541 -6.55 20.66 5.16
C MET A 541 -5.14 21.10 5.53
N GLU A 542 -4.38 20.16 6.12
CA GLU A 542 -3.07 20.48 6.70
C GLU A 542 -2.26 21.12 5.56
N PRO A 543 -1.49 22.15 5.87
CA PRO A 543 -0.73 22.81 4.77
C PRO A 543 0.21 21.89 4.02
N GLY A 544 0.10 21.83 2.70
CA GLY A 544 0.88 20.94 1.88
C GLY A 544 0.31 19.59 1.62
N LEU A 545 -0.84 19.20 2.23
CA LEU A 545 -1.37 17.86 1.97
C LEU A 545 -1.82 17.74 0.52
N CYS A 546 -2.11 18.87 -0.13
CA CYS A 546 -2.45 18.89 -1.57
C CYS A 546 -1.31 18.56 -2.46
N LEU A 547 -0.06 18.66 -1.97
CA LEU A 547 1.12 18.18 -2.77
C LEU A 547 1.20 18.90 -4.13
N HIS A 548 1.01 20.22 -4.09
CA HIS A 548 1.04 21.08 -5.31
C HIS A 548 2.16 22.09 -5.21
N LEU A 549 3.18 21.77 -4.43
CA LEU A 549 4.29 22.66 -4.13
C LEU A 549 4.99 23.13 -5.43
N GLY A 550 5.13 24.43 -5.54
CA GLY A 550 5.76 25.03 -6.71
C GLY A 550 6.77 26.09 -6.34
N GLY A 551 7.48 26.58 -7.35
CA GLY A 551 8.34 27.72 -7.22
C GLY A 551 9.65 27.59 -6.47
N THR A 552 10.09 26.35 -6.20
CA THR A 552 11.27 26.11 -5.40
C THR A 552 12.54 26.31 -6.21
N HIS A 553 12.40 26.26 -7.55
CA HIS A 553 13.51 26.51 -8.50
C HIS A 553 13.01 27.18 -9.74
N ARG A 554 12.43 28.32 -9.52
CA ARG A 554 11.45 28.88 -10.38
C ARG A 554 12.00 29.46 -11.74
N MET A 555 11.12 29.48 -12.73
CA MET A 555 11.39 29.98 -14.06
C MET A 555 11.14 31.46 -14.27
N GLY A 556 11.94 32.11 -15.10
CA GLY A 556 11.64 33.47 -15.48
C GLY A 556 12.48 33.86 -16.69
N PHE A 557 12.34 35.05 -17.23
CA PHE A 557 13.19 35.46 -18.33
C PHE A 557 14.59 35.96 -17.93
N ASP A 558 14.73 36.56 -16.76
CA ASP A 558 15.95 37.22 -16.33
C ASP A 558 16.17 36.89 -14.88
N GLU A 559 17.37 36.42 -14.55
CA GLU A 559 17.64 35.79 -13.25
C GLU A 559 17.40 36.81 -12.19
N LYS A 560 17.94 38.00 -12.41
CA LYS A 560 17.84 39.08 -11.43
C LYS A 560 16.44 39.70 -11.46
N GLU A 561 15.96 40.16 -12.61
CA GLU A 561 14.67 40.93 -12.63
C GLU A 561 13.45 40.09 -12.28
N ASP A 562 13.48 38.78 -12.62
CA ASP A 562 12.38 37.85 -12.32
C ASP A 562 12.61 36.95 -11.08
N ASN A 563 13.71 37.16 -10.38
CA ASN A 563 14.04 36.49 -9.13
C ASN A 563 13.89 35.01 -9.37
N CYS A 564 14.66 34.43 -10.30
CA CYS A 564 14.43 33.05 -10.74
C CYS A 564 15.69 32.24 -10.92
N CYS A 565 15.57 30.96 -11.26
CA CYS A 565 16.68 30.05 -11.31
C CYS A 565 16.82 29.43 -12.64
N VAL A 566 15.74 29.32 -13.42
CA VAL A 566 15.86 28.65 -14.75
C VAL A 566 15.23 29.59 -15.74
N ASN A 567 15.69 29.50 -16.98
CA ASN A 567 15.07 30.26 -18.09
C ASN A 567 13.90 29.52 -18.78
N THR A 568 13.32 30.07 -19.87
CA THR A 568 12.08 29.46 -20.39
C THR A 568 12.41 28.13 -21.11
N ASP A 569 13.68 27.78 -21.34
CA ASP A 569 14.12 26.45 -21.76
C ASP A 569 14.41 25.51 -20.58
N SER A 570 14.02 25.91 -19.39
CA SER A 570 14.32 25.21 -18.14
C SER A 570 15.85 24.99 -17.87
N ARG A 571 16.70 25.84 -18.46
CA ARG A 571 18.13 25.78 -18.28
C ARG A 571 18.50 26.69 -17.07
N VAL A 572 19.32 26.14 -16.19
CA VAL A 572 19.85 26.91 -15.04
C VAL A 572 20.72 28.03 -15.53
N PHE A 573 20.40 29.23 -15.14
CA PHE A 573 21.19 30.37 -15.62
C PHE A 573 22.68 30.19 -15.42
N GLY A 574 23.39 30.47 -16.49
CA GLY A 574 24.84 30.42 -16.46
C GLY A 574 25.41 29.10 -16.90
N PHE A 575 24.59 28.04 -16.85
CA PHE A 575 25.06 26.71 -17.07
C PHE A 575 24.63 26.21 -18.44
N LYS A 576 25.57 25.70 -19.24
CA LYS A 576 25.22 25.26 -20.54
C LYS A 576 24.40 23.99 -20.63
N ASN A 577 24.54 23.09 -19.64
CA ASN A 577 24.12 21.71 -19.82
C ASN A 577 23.32 21.12 -18.63
N LEU A 578 22.75 21.97 -17.78
CA LEU A 578 21.96 21.62 -16.59
C LEU A 578 20.55 22.16 -16.75
N PHE A 579 19.58 21.25 -16.64
CA PHE A 579 18.15 21.54 -16.75
C PHE A 579 17.36 21.00 -15.66
N LEU A 580 16.37 21.76 -15.16
CA LEU A 580 15.49 21.26 -14.16
C LEU A 580 14.05 21.07 -14.72
N GLY A 581 13.37 20.02 -14.28
CA GLY A 581 11.96 19.83 -14.65
C GLY A 581 11.12 19.56 -13.41
N GLY A 582 9.89 19.99 -13.48
CA GLY A 582 8.90 19.77 -12.40
C GLY A 582 8.13 21.06 -12.06
N CYS A 583 7.30 20.87 -11.03
CA CYS A 583 6.46 21.85 -10.52
C CYS A 583 7.30 22.97 -9.82
N GLY A 584 8.52 22.68 -9.39
CA GLY A 584 9.41 23.70 -8.89
C GLY A 584 9.69 24.85 -9.87
N ASN A 585 9.57 24.56 -11.15
CA ASN A 585 9.80 25.56 -12.14
C ASN A 585 8.69 26.57 -12.21
N ILE A 586 7.47 26.27 -11.69
CA ILE A 586 6.35 27.15 -11.95
C ILE A 586 6.46 28.36 -11.02
N PRO A 587 6.48 29.63 -11.57
CA PRO A 587 6.77 30.82 -10.72
C PRO A 587 5.51 31.59 -10.32
N THR A 588 4.35 31.18 -10.85
CA THR A 588 3.12 31.96 -10.72
C THR A 588 2.30 31.45 -9.53
N ALA A 589 1.26 32.22 -9.20
CA ALA A 589 0.23 31.76 -8.28
C ALA A 589 -0.83 30.97 -9.03
N TYR A 590 -0.91 29.68 -8.74
CA TYR A 590 -1.82 28.80 -9.50
C TYR A 590 -2.70 28.01 -8.56
N GLY A 591 -3.92 27.71 -8.97
CA GLY A 591 -4.77 26.87 -8.25
C GLY A 591 -5.08 25.50 -8.88
N ALA A 592 -4.87 25.37 -10.17
CA ALA A 592 -5.18 24.09 -10.85
C ALA A 592 -4.07 23.10 -10.57
N ASN A 593 -4.29 21.84 -10.91
CA ASN A 593 -3.27 20.78 -10.69
C ASN A 593 -2.11 21.09 -11.60
N PRO A 594 -0.85 21.11 -11.10
CA PRO A 594 0.22 21.66 -11.90
C PRO A 594 0.91 20.67 -12.85
N THR A 595 0.76 19.33 -12.72
CA THR A 595 1.61 18.41 -13.51
C THR A 595 1.61 18.61 -15.01
N LEU A 596 0.42 18.82 -15.59
CA LEU A 596 0.37 18.99 -17.06
C LEU A 596 1.23 20.22 -17.51
N THR A 597 1.14 21.28 -16.73
CA THR A 597 1.89 22.55 -17.05
C THR A 597 3.41 22.22 -16.95
N ALA A 598 3.84 21.47 -15.91
CA ALA A 598 5.22 21.02 -15.74
C ALA A 598 5.67 20.20 -16.91
N MET A 599 4.81 19.30 -17.35
CA MET A 599 5.20 18.47 -18.51
C MET A 599 5.39 19.30 -19.78
N SER A 600 4.53 20.27 -19.97
CA SER A 600 4.58 21.18 -21.12
C SER A 600 5.91 21.96 -21.16
N LEU A 601 6.36 22.42 -19.98
CA LEU A 601 7.64 23.13 -19.87
C LEU A 601 8.76 22.17 -20.19
N ALA A 602 8.61 20.91 -19.72
CA ALA A 602 9.62 19.91 -20.06
C ALA A 602 9.75 19.66 -21.54
N ILE A 603 8.64 19.61 -22.29
CA ILE A 603 8.70 19.39 -23.79
C ILE A 603 9.51 20.54 -24.46
N LYS A 604 9.22 21.74 -24.00
CA LYS A 604 9.94 22.93 -24.49
C LYS A 604 11.46 22.84 -24.19
N SER A 605 11.78 22.32 -23.01
CA SER A 605 13.19 22.11 -22.61
C SER A 605 13.84 21.09 -23.48
N CYS A 606 13.16 20.00 -23.77
CA CYS A 606 13.71 19.01 -24.66
C CYS A 606 13.93 19.58 -26.03
N GLU A 607 13.04 20.47 -26.50
CA GLU A 607 13.30 21.08 -27.84
C GLU A 607 14.66 21.83 -27.88
N TYR A 608 14.93 22.62 -26.85
CA TYR A 608 16.20 23.30 -26.68
C TYR A 608 17.34 22.32 -26.73
N ILE A 609 17.22 21.19 -26.01
CA ILE A 609 18.27 20.21 -26.01
C ILE A 609 18.48 19.70 -27.37
N LYS A 610 17.42 19.35 -28.07
CA LYS A 610 17.60 18.81 -29.46
C LYS A 610 18.24 19.79 -30.43
N GLN A 611 18.05 21.06 -30.18
CA GLN A 611 18.60 22.14 -31.03
C GLN A 611 20.07 22.42 -30.73
N ASN A 612 20.60 21.94 -29.57
CA ASN A 612 21.91 22.35 -29.04
C ASN A 612 22.92 21.27 -28.68
N PHE A 613 22.51 19.99 -28.72
CA PHE A 613 23.38 18.86 -28.40
C PHE A 613 23.14 17.79 -29.44
N THR A 614 24.21 17.17 -29.94
CA THR A 614 24.08 16.10 -30.89
C THR A 614 24.17 14.74 -30.23
N PRO A 615 23.27 13.81 -30.63
CA PRO A 615 23.43 12.48 -30.07
C PRO A 615 24.71 11.78 -30.57
N SER A 616 25.26 10.94 -29.74
CA SER A 616 26.42 10.19 -30.11
C SER A 616 25.95 9.19 -31.15
N PRO A 617 26.85 8.78 -32.05
CA PRO A 617 26.42 7.79 -33.01
C PRO A 617 26.08 6.45 -32.31
N PHE A 618 25.08 5.75 -32.83
CA PHE A 618 24.56 4.55 -32.15
C PHE A 618 25.59 3.49 -31.68
N MET B 43 -1.36 -19.36 -23.84
CA MET B 43 -2.14 -20.34 -23.02
C MET B 43 -2.58 -21.61 -23.77
N ASP B 44 -2.02 -22.74 -23.31
CA ASP B 44 -2.48 -24.06 -23.74
C ASP B 44 -3.76 -24.50 -23.01
N ILE B 45 -4.35 -25.55 -23.56
CA ILE B 45 -5.53 -26.19 -23.00
C ILE B 45 -5.16 -27.29 -21.94
N LYS B 46 -4.04 -27.98 -22.13
CA LYS B 46 -3.67 -29.15 -21.31
C LYS B 46 -2.27 -29.07 -20.64
N TYR B 47 -2.29 -29.27 -19.32
CA TYR B 47 -1.08 -29.25 -18.47
C TYR B 47 -1.04 -30.57 -17.71
N ASP B 48 0.14 -30.95 -17.18
CA ASP B 48 0.22 -32.06 -16.25
C ASP B 48 -0.43 -31.71 -14.94
N VAL B 49 -0.06 -30.52 -14.46
CA VAL B 49 -0.46 -30.05 -13.11
C VAL B 49 -1.01 -28.64 -13.20
N VAL B 50 -2.19 -28.38 -12.61
CA VAL B 50 -2.66 -26.95 -12.42
C VAL B 50 -2.79 -26.62 -10.93
N ILE B 51 -2.26 -25.45 -10.58
CA ILE B 51 -2.25 -24.98 -9.26
C ILE B 51 -3.09 -23.72 -9.23
N VAL B 52 -4.00 -23.64 -8.30
CA VAL B 52 -4.79 -22.44 -8.06
C VAL B 52 -4.24 -21.70 -6.88
N GLY B 53 -3.72 -20.50 -7.16
CA GLY B 53 -3.10 -19.67 -6.11
C GLY B 53 -1.59 -19.67 -6.16
N SER B 54 -0.95 -18.50 -6.00
CA SER B 54 0.49 -18.30 -6.00
C SER B 54 1.02 -17.82 -4.63
N GLY B 55 0.31 -18.11 -3.53
CA GLY B 55 0.87 -17.94 -2.18
C GLY B 55 2.04 -18.92 -1.94
N PRO B 56 2.60 -18.92 -0.75
CA PRO B 56 3.73 -19.80 -0.47
C PRO B 56 3.38 -21.28 -0.52
N ILE B 57 2.13 -21.63 -0.33
CA ILE B 57 1.78 -23.08 -0.37
C ILE B 57 1.66 -23.51 -1.82
N GLY B 58 0.99 -22.72 -2.64
CA GLY B 58 1.02 -22.96 -4.10
C GLY B 58 2.39 -23.03 -4.67
N CYS B 59 3.28 -22.16 -4.18
CA CYS B 59 4.67 -22.16 -4.66
C CYS B 59 5.44 -23.40 -4.17
N THR B 60 5.04 -23.99 -3.04
CA THR B 60 5.66 -25.24 -2.58
C THR B 60 5.39 -26.37 -3.56
N TYR B 61 4.11 -26.49 -3.98
CA TYR B 61 3.78 -27.43 -5.04
C TYR B 61 4.54 -27.13 -6.33
N ALA B 62 4.62 -25.86 -6.70
CA ALA B 62 5.37 -25.49 -7.94
C ALA B 62 6.84 -25.85 -7.84
N ARG B 63 7.47 -25.44 -6.74
CA ARG B 63 8.83 -25.79 -6.55
C ARG B 63 9.04 -27.35 -6.76
N GLU B 64 8.28 -28.12 -6.02
CA GLU B 64 8.48 -29.60 -6.04
C GLU B 64 8.13 -30.18 -7.43
N LEU B 65 7.00 -29.80 -8.04
CA LEU B 65 6.58 -30.48 -9.28
C LEU B 65 7.29 -29.92 -10.56
N VAL B 66 7.46 -28.63 -10.62
CA VAL B 66 8.27 -28.05 -11.71
C VAL B 66 9.68 -28.65 -11.69
N GLY B 67 10.23 -28.83 -10.50
CA GLY B 67 11.54 -29.46 -10.29
C GLY B 67 11.63 -30.91 -10.69
N ALA B 68 10.53 -31.65 -10.59
CA ALA B 68 10.48 -33.01 -10.99
C ALA B 68 10.07 -33.21 -12.42
N GLY B 69 9.87 -32.15 -13.22
CA GLY B 69 9.67 -32.33 -14.65
C GLY B 69 8.24 -32.20 -15.15
N TYR B 70 7.29 -31.88 -14.28
CA TYR B 70 5.93 -31.75 -14.70
C TYR B 70 5.69 -30.45 -15.47
N LYS B 71 4.77 -30.52 -16.43
CA LYS B 71 4.36 -29.33 -17.18
C LYS B 71 3.35 -28.66 -16.27
N VAL B 72 3.75 -27.54 -15.60
CA VAL B 72 2.89 -26.88 -14.62
C VAL B 72 2.28 -25.55 -15.08
N ALA B 73 0.99 -25.34 -14.84
CA ALA B 73 0.37 -24.02 -14.94
C ALA B 73 -0.12 -23.61 -13.56
N MET B 74 -0.01 -22.32 -13.26
CA MET B 74 -0.49 -21.71 -12.03
C MET B 74 -1.34 -20.51 -12.35
N PHE B 75 -2.47 -20.39 -11.71
CA PHE B 75 -3.37 -19.27 -11.88
C PHE B 75 -3.50 -18.47 -10.59
N ASP B 76 -3.51 -17.13 -10.67
CA ASP B 76 -3.88 -16.32 -9.51
C ASP B 76 -4.89 -15.31 -9.95
N ILE B 77 -5.87 -15.08 -9.10
CA ILE B 77 -6.92 -14.10 -9.32
C ILE B 77 -6.39 -12.67 -9.22
N GLY B 78 -5.32 -12.51 -8.40
CA GLY B 78 -4.61 -11.25 -8.34
C GLY B 78 -3.47 -11.04 -9.33
N GLU B 79 -2.72 -9.93 -9.21
CA GLU B 79 -1.78 -9.54 -10.21
C GLU B 79 -0.31 -9.39 -9.69
N ILE B 80 0.64 -9.37 -10.62
CA ILE B 80 2.00 -9.11 -10.24
C ILE B 80 2.13 -7.63 -9.87
N ASP B 81 2.49 -7.37 -8.64
CA ASP B 81 2.82 -6.03 -8.24
C ASP B 81 4.26 -5.87 -7.49
N SER B 82 4.81 -6.89 -6.81
CA SER B 82 5.99 -6.74 -5.93
C SER B 82 7.30 -6.21 -6.58
N GLY B 83 7.37 -5.85 -7.84
CA GLY B 83 8.67 -5.55 -8.40
C GLY B 83 9.09 -6.66 -9.33
N LEU B 84 10.31 -6.66 -9.81
CA LEU B 84 10.71 -7.66 -10.77
C LEU B 84 10.89 -9.06 -10.15
N LYS B 85 11.01 -9.14 -8.82
CA LYS B 85 10.99 -10.41 -8.14
C LYS B 85 9.52 -10.82 -7.85
N ILE B 86 8.99 -11.69 -8.67
CA ILE B 86 7.59 -12.01 -8.70
C ILE B 86 7.15 -12.69 -7.45
N GLY B 87 6.16 -12.11 -6.77
CA GLY B 87 5.73 -12.71 -5.54
C GLY B 87 6.61 -12.43 -4.30
N ALA B 88 7.53 -11.44 -4.40
CA ALA B 88 8.48 -11.16 -3.27
C ALA B 88 7.84 -10.31 -2.18
N HIS B 89 8.54 -10.22 -1.05
CA HIS B 89 8.07 -9.46 0.09
C HIS B 89 8.17 -8.02 -0.23
N LYS B 90 7.06 -7.29 0.01
CA LYS B 90 6.95 -5.89 -0.30
C LYS B 90 7.72 -5.00 0.70
N LYS B 91 8.10 -5.53 1.86
CA LYS B 91 8.96 -4.86 2.83
C LYS B 91 10.41 -4.74 2.39
N ASN B 92 10.76 -5.47 1.34
CA ASN B 92 12.19 -5.60 0.89
C ASN B 92 12.65 -4.44 -0.05
N THR B 93 12.26 -3.27 0.29
CA THR B 93 12.76 -2.10 -0.33
C THR B 93 13.56 -1.31 0.67
N VAL B 94 14.52 -0.61 0.13
CA VAL B 94 15.36 0.32 0.98
C VAL B 94 14.49 1.34 1.66
N GLU B 95 13.50 1.86 0.93
CA GLU B 95 12.66 2.88 1.48
C GLU B 95 11.82 2.33 2.62
N TYR B 96 11.24 1.13 2.52
CA TYR B 96 10.42 0.67 3.66
C TYR B 96 11.27 0.36 4.84
N GLN B 97 12.50 -0.06 4.63
CA GLN B 97 13.27 -0.40 5.79
C GLN B 97 13.91 0.79 6.52
N LYS B 98 13.96 1.94 5.85
CA LYS B 98 14.28 3.29 6.44
C LYS B 98 12.98 3.96 6.96
N ASN B 99 11.83 3.47 6.62
CA ASN B 99 10.56 4.07 7.08
C ASN B 99 9.57 2.99 7.50
N ILE B 100 9.94 2.15 8.49
CA ILE B 100 9.15 0.92 8.71
C ILE B 100 7.72 1.17 9.22
N ASP B 101 7.54 2.30 9.89
CA ASP B 101 6.19 2.76 10.33
C ASP B 101 5.14 2.92 9.21
N LYS B 102 5.55 3.01 7.97
CA LYS B 102 4.65 3.20 6.86
C LYS B 102 4.20 1.87 6.24
N PHE B 103 4.84 0.75 6.59
CA PHE B 103 4.44 -0.54 5.96
C PHE B 103 3.09 -1.00 6.43
N VAL B 104 2.65 -0.59 7.61
CA VAL B 104 1.29 -0.90 8.11
C VAL B 104 0.27 -0.58 7.04
N ASN B 105 0.52 0.51 6.25
CA ASN B 105 -0.45 0.93 5.26
C ASN B 105 -0.48 -0.05 4.12
N VAL B 106 0.70 -0.61 3.73
CA VAL B 106 0.74 -1.62 2.67
C VAL B 106 -0.12 -2.83 3.02
N ILE B 107 0.06 -3.32 4.27
CA ILE B 107 -0.75 -4.44 4.78
C ILE B 107 -2.25 -4.10 4.71
N GLN B 108 -2.65 -2.96 5.28
CA GLN B 108 -4.04 -2.58 5.35
C GLN B 108 -4.67 -2.46 3.94
N GLY B 109 -3.88 -1.97 2.94
CA GLY B 109 -4.36 -1.81 1.58
C GLY B 109 -4.65 -3.14 0.89
N GLN B 110 -4.13 -4.27 1.42
CA GLN B 110 -4.36 -5.51 0.73
C GLN B 110 -5.01 -6.59 1.62
N LEU B 111 -5.67 -6.14 2.65
CA LEU B 111 -6.48 -7.03 3.49
C LEU B 111 -7.99 -6.64 3.26
N MET B 112 -8.65 -7.46 2.45
CA MET B 112 -10.02 -7.24 2.09
C MET B 112 -10.92 -8.07 3.00
N SER B 113 -11.80 -7.42 3.81
CA SER B 113 -12.61 -8.18 4.76
C SER B 113 -13.43 -9.29 4.13
N VAL B 114 -13.47 -10.44 4.81
CA VAL B 114 -14.26 -11.62 4.35
C VAL B 114 -15.78 -11.39 4.40
N SER B 115 -16.27 -11.01 5.56
CA SER B 115 -17.71 -10.86 5.73
C SER B 115 -18.01 -9.67 6.67
N VAL B 116 -18.65 -8.66 6.11
CA VAL B 116 -18.95 -7.43 6.78
C VAL B 116 -20.48 -7.41 7.07
N PRO B 117 -20.89 -7.33 8.33
CA PRO B 117 -22.32 -7.31 8.52
C PRO B 117 -22.98 -5.95 8.10
N VAL B 118 -24.32 -5.98 8.05
CA VAL B 118 -25.10 -4.80 7.70
C VAL B 118 -24.86 -3.80 8.82
N ASN B 119 -24.52 -2.59 8.44
CA ASN B 119 -24.17 -1.44 9.36
C ASN B 119 -25.43 -0.88 9.99
N THR B 120 -25.46 -0.73 11.30
CA THR B 120 -26.63 -0.18 11.98
C THR B 120 -26.24 1.11 12.78
N LEU B 121 -25.17 1.77 12.36
CA LEU B 121 -24.83 3.02 13.01
C LEU B 121 -25.89 4.13 12.66
N VAL B 122 -26.26 4.94 13.65
CA VAL B 122 -27.31 5.96 13.49
C VAL B 122 -26.63 7.27 13.17
N VAL B 123 -26.92 7.82 11.99
CA VAL B 123 -26.36 9.12 11.59
C VAL B 123 -27.61 10.03 11.53
N ASP B 124 -27.85 10.77 12.61
CA ASP B 124 -29.08 11.62 12.72
C ASP B 124 -28.76 13.11 12.62
N THR B 125 -27.54 13.43 12.16
CA THR B 125 -27.19 14.83 11.94
C THR B 125 -26.99 15.13 10.43
N LEU B 126 -27.58 14.34 9.57
CA LEU B 126 -27.68 14.80 8.18
C LEU B 126 -28.49 16.08 8.04
N SER B 127 -28.22 16.91 7.03
CA SER B 127 -29.09 18.00 6.76
C SER B 127 -30.47 17.47 6.38
N PRO B 128 -31.53 18.19 6.70
CA PRO B 128 -32.91 17.80 6.30
C PRO B 128 -33.09 17.66 4.76
N THR B 129 -32.22 18.29 3.96
CA THR B 129 -32.36 18.14 2.50
C THR B 129 -31.70 16.84 2.00
N SER B 130 -30.80 16.22 2.78
CA SER B 130 -30.09 14.99 2.25
C SER B 130 -31.03 13.79 2.25
N TRP B 131 -30.85 12.87 1.31
CA TRP B 131 -31.59 11.66 1.29
C TRP B 131 -31.25 10.88 2.54
N GLN B 132 -32.30 10.39 3.23
CA GLN B 132 -32.16 9.77 4.55
C GLN B 132 -32.85 8.42 4.53
N ALA B 133 -32.12 7.39 5.00
CA ALA B 133 -32.66 6.03 4.99
C ALA B 133 -33.83 5.85 5.93
N SER B 134 -34.83 5.01 5.57
CA SER B 134 -35.86 4.57 6.57
C SER B 134 -35.54 3.29 7.30
N THR B 135 -34.62 2.51 6.74
CA THR B 135 -34.20 1.26 7.33
C THR B 135 -32.69 1.11 7.20
N PHE B 136 -32.15 0.12 7.89
CA PHE B 136 -30.72 -0.33 7.71
C PHE B 136 -30.59 -1.36 6.61
N PHE B 137 -30.64 -0.84 5.40
CA PHE B 137 -30.65 -1.67 4.24
C PHE B 137 -29.23 -2.12 3.88
N VAL B 138 -29.12 -3.01 2.93
CA VAL B 138 -27.81 -3.57 2.57
C VAL B 138 -27.07 -2.58 1.73
N ARG B 139 -25.99 -2.05 2.27
CA ARG B 139 -25.21 -0.96 1.66
C ARG B 139 -23.75 -1.41 1.55
N ASN B 140 -23.02 -0.85 0.60
CA ASN B 140 -21.55 -0.77 0.64
C ASN B 140 -20.84 -2.14 0.77
N GLY B 141 -21.39 -3.14 0.13
CA GLY B 141 -20.78 -4.49 0.17
C GLY B 141 -21.04 -5.38 1.38
N SER B 142 -21.86 -4.93 2.29
CA SER B 142 -22.18 -5.76 3.45
CA SER B 142 -22.25 -5.72 3.46
C SER B 142 -22.98 -7.01 3.09
N ASN B 143 -22.92 -7.95 4.01
CA ASN B 143 -23.43 -9.31 3.82
C ASN B 143 -24.62 -9.47 4.78
N PRO B 144 -25.84 -9.50 4.26
CA PRO B 144 -27.01 -9.60 5.07
C PRO B 144 -27.18 -10.95 5.71
N GLU B 145 -26.45 -11.95 5.26
CA GLU B 145 -26.52 -13.27 5.88
C GLU B 145 -25.74 -13.30 7.21
N GLN B 146 -24.88 -12.32 7.48
CA GLN B 146 -23.92 -12.42 8.58
C GLN B 146 -24.50 -11.92 9.88
N ASP B 147 -24.55 -12.78 10.90
CA ASP B 147 -24.90 -12.35 12.23
C ASP B 147 -23.67 -11.55 12.73
N PRO B 148 -23.85 -10.28 13.13
CA PRO B 148 -22.71 -9.51 13.55
C PRO B 148 -22.07 -10.06 14.85
N LEU B 149 -22.86 -10.83 15.61
CA LEU B 149 -22.50 -11.32 16.90
C LEU B 149 -21.89 -12.72 16.87
N ARG B 150 -21.80 -13.28 15.69
CA ARG B 150 -21.20 -14.63 15.51
C ARG B 150 -20.24 -14.65 14.35
N ASN B 151 -19.44 -13.59 14.26
CA ASN B 151 -18.59 -13.38 13.10
C ASN B 151 -17.09 -13.52 13.43
N LEU B 152 -16.27 -13.63 12.38
CA LEU B 152 -14.85 -13.39 12.49
C LEU B 152 -14.58 -12.06 11.75
N SER B 153 -14.95 -10.95 12.37
CA SER B 153 -14.91 -9.63 11.70
C SER B 153 -13.53 -9.23 11.20
N GLY B 154 -12.49 -9.72 11.83
CA GLY B 154 -11.11 -9.36 11.47
C GLY B 154 -10.62 -10.18 10.32
N GLN B 155 -11.32 -11.27 9.95
CA GLN B 155 -10.84 -12.15 8.86
C GLN B 155 -10.80 -11.38 7.53
N ALA B 156 -9.73 -11.55 6.72
CA ALA B 156 -9.55 -10.80 5.52
C ALA B 156 -8.78 -11.66 4.62
N VAL B 157 -8.83 -11.38 3.30
CA VAL B 157 -8.00 -12.05 2.31
C VAL B 157 -7.17 -11.10 1.45
N THR B 158 -6.18 -11.63 0.74
CA THR B 158 -5.20 -10.89 -0.04
C THR B 158 -5.17 -11.51 -1.43
N ARG B 159 -5.56 -10.69 -2.40
CA ARG B 159 -5.48 -11.08 -3.79
C ARG B 159 -4.40 -10.34 -4.63
N VAL B 160 -3.20 -10.96 -4.64
CA VAL B 160 -2.04 -10.47 -5.31
C VAL B 160 -1.16 -11.67 -5.50
N VAL B 161 -0.30 -11.68 -6.54
CA VAL B 161 0.62 -12.72 -6.69
C VAL B 161 1.61 -12.82 -5.51
N GLY B 162 1.76 -14.03 -5.01
CA GLY B 162 2.46 -14.29 -3.79
C GLY B 162 1.58 -14.29 -2.56
N GLY B 163 0.28 -13.96 -2.70
CA GLY B 163 -0.68 -13.95 -1.61
C GLY B 163 -0.21 -13.13 -0.37
N MET B 164 -0.55 -13.60 0.82
CA MET B 164 -0.21 -12.92 2.02
C MET B 164 1.30 -12.84 2.35
N SER B 165 2.09 -13.72 1.71
CA SER B 165 3.57 -13.79 1.90
C SER B 165 4.23 -12.56 1.34
N THR B 166 3.48 -11.70 0.63
CA THR B 166 4.01 -10.43 0.22
C THR B 166 4.00 -9.39 1.32
N HIS B 167 3.32 -9.68 2.43
CA HIS B 167 3.34 -8.75 3.51
C HIS B 167 3.58 -9.39 4.91
N TRP B 168 3.67 -10.70 5.01
CA TRP B 168 3.60 -11.38 6.35
C TRP B 168 4.81 -11.09 7.24
N THR B 169 4.67 -11.41 8.54
CA THR B 169 5.69 -11.16 9.58
C THR B 169 6.83 -12.21 9.57
N CYS B 170 6.64 -13.29 8.80
CA CYS B 170 7.69 -14.30 8.58
C CYS B 170 8.05 -15.17 9.81
N ALA B 171 7.17 -15.22 10.80
CA ALA B 171 7.40 -16.14 11.91
C ALA B 171 7.05 -17.58 11.52
N THR B 172 8.01 -18.46 11.66
CA THR B 172 7.76 -19.85 11.25
C THR B 172 8.21 -20.88 12.29
N PRO B 173 7.48 -20.97 13.40
CA PRO B 173 7.75 -21.99 14.41
C PRO B 173 7.23 -23.37 14.01
N ARG B 174 7.87 -24.43 14.53
CA ARG B 174 7.27 -25.74 14.52
C ARG B 174 6.21 -25.95 15.58
N PHE B 175 5.22 -26.80 15.28
CA PHE B 175 4.30 -27.24 16.23
C PHE B 175 4.90 -28.41 17.01
N ASP B 176 4.71 -28.38 18.32
CA ASP B 176 4.98 -29.58 19.19
C ASP B 176 3.83 -30.60 19.05
N ARG B 177 3.99 -31.83 19.58
CA ARG B 177 2.99 -32.85 19.32
C ARG B 177 1.59 -32.40 19.75
N GLU B 178 1.51 -31.62 20.82
CA GLU B 178 0.19 -31.29 21.34
C GLU B 178 -0.66 -30.46 20.32
N GLN B 179 -0.03 -29.74 19.39
CA GLN B 179 -0.73 -28.85 18.45
C GLN B 179 -0.92 -29.43 17.02
N ARG B 180 -0.44 -30.65 16.78
CA ARG B 180 -0.08 -31.12 15.45
C ARG B 180 -0.88 -32.39 15.17
N PRO B 181 -1.34 -32.56 13.91
CA PRO B 181 -2.07 -33.79 13.51
C PRO B 181 -1.03 -34.90 13.33
N LEU B 182 -1.47 -36.07 13.65
CA LEU B 182 -0.67 -37.32 13.44
C LEU B 182 -0.53 -37.60 11.94
N LEU B 183 0.69 -37.93 11.54
CA LEU B 183 0.98 -38.45 10.21
C LEU B 183 1.31 -39.96 10.22
N VAL B 184 1.60 -40.51 11.37
CA VAL B 184 1.85 -41.99 11.53
C VAL B 184 1.05 -42.37 12.77
N LYS B 185 0.14 -43.36 12.64
CA LYS B 185 -0.62 -43.76 13.82
C LYS B 185 0.17 -44.78 14.63
N ASP B 186 -0.01 -44.74 15.93
CA ASP B 186 0.50 -45.78 16.81
C ASP B 186 1.98 -45.94 16.82
N ASP B 187 2.71 -44.89 16.45
CA ASP B 187 4.16 -44.91 16.51
C ASP B 187 4.63 -43.48 16.64
N ALA B 188 4.77 -43.01 17.89
CA ALA B 188 5.09 -41.61 18.18
C ALA B 188 6.46 -41.22 17.68
N ASP B 189 7.40 -42.16 17.77
CA ASP B 189 8.73 -41.79 17.30
C ASP B 189 8.78 -41.65 15.79
N ALA B 190 8.10 -42.55 15.09
CA ALA B 190 8.00 -42.43 13.67
C ALA B 190 7.30 -41.17 13.25
N ASP B 191 6.22 -40.81 13.95
CA ASP B 191 5.51 -39.53 13.70
C ASP B 191 6.41 -38.28 13.90
N ASP B 192 7.12 -38.26 15.01
CA ASP B 192 8.08 -37.22 15.26
C ASP B 192 9.16 -37.21 14.12
N ALA B 193 9.66 -38.38 13.71
CA ALA B 193 10.69 -38.41 12.65
C ALA B 193 10.18 -37.86 11.32
N GLU B 194 8.96 -38.23 10.98
CA GLU B 194 8.34 -37.73 9.75
C GLU B 194 8.14 -36.18 9.76
N TRP B 195 7.59 -35.69 10.84
CA TRP B 195 7.52 -34.22 10.99
C TRP B 195 8.87 -33.53 10.94
N ASP B 196 9.89 -34.08 11.59
CA ASP B 196 11.21 -33.45 11.59
C ASP B 196 11.79 -33.41 10.14
N ARG B 197 11.57 -34.48 9.38
CA ARG B 197 12.00 -34.49 7.99
C ARG B 197 11.31 -33.43 7.15
N LEU B 198 10.00 -33.37 7.29
CA LEU B 198 9.18 -32.38 6.58
C LEU B 198 9.49 -30.92 7.01
N TYR B 199 9.56 -30.68 8.33
CA TYR B 199 9.80 -29.31 8.81
C TYR B 199 11.18 -28.81 8.44
N THR B 200 12.16 -29.75 8.36
CA THR B 200 13.56 -29.40 7.97
C THR B 200 13.56 -28.94 6.55
N LYS B 201 12.85 -29.66 5.66
CA LYS B 201 12.79 -29.27 4.29
C LYS B 201 12.02 -27.93 4.09
N ALA B 202 10.93 -27.71 4.82
CA ALA B 202 10.11 -26.49 4.78
C ALA B 202 10.91 -25.23 5.23
N GLU B 203 11.71 -25.41 6.30
CA GLU B 203 12.66 -24.41 6.78
C GLU B 203 13.69 -24.05 5.73
N SER B 204 14.24 -25.03 5.02
CA SER B 204 15.10 -24.71 3.92
C SER B 204 14.41 -23.91 2.82
N TYR B 205 13.20 -24.30 2.45
CA TYR B 205 12.48 -23.55 1.45
C TYR B 205 12.27 -22.12 1.85
N PHE B 206 11.89 -21.90 3.07
CA PHE B 206 11.63 -20.57 3.52
C PHE B 206 12.90 -19.86 4.00
N GLN B 207 14.05 -20.50 4.16
CA GLN B 207 15.28 -19.87 4.67
C GLN B 207 15.02 -19.39 6.10
N THR B 208 14.37 -20.25 6.86
CA THR B 208 14.14 -20.07 8.30
C THR B 208 15.45 -20.06 9.11
N GLY B 209 15.56 -19.13 10.06
CA GLY B 209 16.81 -19.05 10.86
C GLY B 209 16.40 -18.45 12.18
N THR B 210 17.28 -18.60 13.17
CA THR B 210 17.04 -18.08 14.52
C THR B 210 18.15 -17.15 15.05
N ASP B 211 19.00 -16.66 14.18
CA ASP B 211 20.04 -15.76 14.61
C ASP B 211 20.21 -14.42 13.83
N GLN B 212 19.21 -14.05 13.04
CA GLN B 212 19.27 -12.83 12.28
C GLN B 212 19.30 -11.55 13.13
N PHE B 213 18.83 -11.70 14.35
CA PHE B 213 18.70 -10.54 15.24
C PHE B 213 19.65 -10.57 16.41
N LYS B 214 20.67 -11.39 16.37
CA LYS B 214 21.54 -11.68 17.53
C LYS B 214 22.41 -10.47 17.88
N GLU B 215 22.56 -9.48 17.01
CA GLU B 215 23.38 -8.29 17.35
C GLU B 215 22.56 -7.14 17.79
N SER B 216 21.26 -7.30 17.93
CA SER B 216 20.42 -6.22 18.51
C SER B 216 20.55 -6.14 20.03
N ILE B 217 20.76 -4.92 20.54
CA ILE B 217 20.85 -4.58 21.95
C ILE B 217 19.45 -4.73 22.58
N ARG B 218 18.43 -4.21 21.91
CA ARG B 218 17.02 -4.34 22.41
C ARG B 218 16.59 -5.75 22.52
N HIS B 219 16.90 -6.53 21.52
CA HIS B 219 16.50 -7.89 21.45
C HIS B 219 17.10 -8.70 22.65
N ASN B 220 18.41 -8.53 22.84
CA ASN B 220 19.11 -9.26 23.91
C ASN B 220 18.77 -8.76 25.28
N LEU B 221 18.59 -7.44 25.42
CA LEU B 221 18.10 -6.85 26.67
C LEU B 221 16.77 -7.57 27.13
N VAL B 222 15.82 -7.71 26.22
CA VAL B 222 14.54 -8.26 26.57
C VAL B 222 14.69 -9.79 26.74
N LEU B 223 15.35 -10.46 25.81
CA LEU B 223 15.58 -11.95 25.93
C LEU B 223 16.23 -12.39 27.25
N ASN B 224 17.26 -11.67 27.66
CA ASN B 224 18.03 -11.99 28.81
C ASN B 224 17.21 -11.71 30.05
N LYS B 225 16.46 -10.63 30.05
CA LYS B 225 15.66 -10.30 31.25
C LYS B 225 14.60 -11.45 31.47
N LEU B 226 13.90 -11.85 30.42
CA LEU B 226 12.87 -12.86 30.56
C LEU B 226 13.52 -14.18 30.95
N THR B 227 14.66 -14.53 30.34
CA THR B 227 15.35 -15.75 30.71
C THR B 227 15.62 -15.79 32.17
N GLU B 228 16.12 -14.65 32.69
CA GLU B 228 16.48 -14.55 34.10
C GLU B 228 15.26 -14.64 35.01
N GLU B 229 14.18 -13.94 34.61
CA GLU B 229 12.95 -13.95 35.41
C GLU B 229 12.23 -15.30 35.54
N TYR B 230 12.37 -16.16 34.58
CA TYR B 230 11.59 -17.42 34.57
C TYR B 230 12.52 -18.63 34.78
N LYS B 231 13.67 -18.36 35.37
CA LYS B 231 14.75 -19.36 35.45
C LYS B 231 14.25 -20.73 35.88
N GLY B 232 14.37 -21.73 35.05
CA GLY B 232 13.88 -23.06 35.43
C GLY B 232 12.35 -23.21 35.30
N GLN B 233 11.71 -22.28 34.59
CA GLN B 233 10.27 -22.42 34.44
C GLN B 233 9.90 -22.38 32.96
N ARG B 234 10.44 -21.42 32.21
CA ARG B 234 10.19 -21.32 30.81
C ARG B 234 11.45 -20.94 30.09
N ASP B 235 11.54 -21.34 28.84
CA ASP B 235 12.72 -21.05 28.06
C ASP B 235 12.33 -20.04 26.96
N PHE B 236 13.21 -19.07 26.69
CA PHE B 236 13.04 -18.02 25.65
C PHE B 236 14.14 -18.14 24.60
N GLN B 237 13.75 -17.81 23.39
CA GLN B 237 14.65 -17.86 22.24
C GLN B 237 14.24 -16.79 21.21
N GLN B 238 15.03 -16.65 20.14
CA GLN B 238 14.59 -15.85 19.03
C GLN B 238 13.40 -16.52 18.34
N ILE B 239 12.38 -15.72 17.98
CA ILE B 239 11.39 -16.20 16.96
C ILE B 239 12.07 -16.82 15.77
N PRO B 240 11.71 -18.02 15.39
CA PRO B 240 12.24 -18.51 14.12
C PRO B 240 11.62 -17.67 12.96
N LEU B 241 12.45 -17.14 12.11
CA LEU B 241 12.07 -16.12 11.11
C LEU B 241 12.56 -16.57 9.74
N ALA B 242 11.63 -16.56 8.79
CA ALA B 242 11.94 -16.79 7.38
C ALA B 242 12.52 -15.49 6.74
N ALA B 243 13.85 -15.36 6.79
CA ALA B 243 14.58 -14.07 6.56
C ALA B 243 16.08 -14.33 6.51
N THR B 244 16.75 -13.52 5.71
CA THR B 244 18.21 -13.54 5.55
C THR B 244 18.68 -12.10 5.70
N ARG B 245 19.46 -11.86 6.75
CA ARG B 245 20.09 -10.56 6.92
C ARG B 245 21.10 -10.26 5.81
N ARG B 246 21.01 -9.07 5.23
CA ARG B 246 21.96 -8.62 4.23
C ARG B 246 22.96 -7.58 4.78
N SER B 247 22.61 -6.81 5.81
CA SER B 247 23.53 -5.83 6.36
C SER B 247 22.96 -5.54 7.69
N PRO B 248 23.67 -4.72 8.47
CA PRO B 248 23.12 -4.41 9.80
C PRO B 248 21.80 -3.65 9.75
N THR B 249 21.47 -3.07 8.64
CA THR B 249 20.22 -2.31 8.54
C THR B 249 19.21 -2.82 7.47
N PHE B 250 19.49 -3.96 6.87
CA PHE B 250 18.61 -4.50 5.86
C PHE B 250 18.45 -6.03 6.00
N VAL B 251 17.16 -6.45 6.11
CA VAL B 251 16.82 -7.91 6.15
C VAL B 251 16.01 -8.27 4.89
N GLU B 252 16.42 -9.32 4.18
CA GLU B 252 15.66 -9.83 3.04
C GLU B 252 14.61 -10.80 3.59
N TRP B 253 13.40 -10.31 3.81
CA TRP B 253 12.33 -11.13 4.34
C TRP B 253 11.89 -12.14 3.32
N SER B 254 11.63 -13.39 3.76
CA SER B 254 11.22 -14.43 2.75
C SER B 254 9.77 -14.24 2.30
N SER B 255 9.40 -14.94 1.22
CA SER B 255 8.06 -14.87 0.69
C SER B 255 7.87 -16.10 -0.22
N ALA B 256 6.71 -16.13 -0.91
CA ALA B 256 6.44 -17.09 -1.98
C ALA B 256 7.63 -17.13 -2.95
N ASN B 257 8.17 -15.94 -3.29
CA ASN B 257 9.30 -15.87 -4.29
C ASN B 257 10.58 -16.59 -3.81
N THR B 258 10.83 -16.61 -2.48
CA THR B 258 11.97 -17.41 -1.91
C THR B 258 11.81 -18.94 -2.28
N VAL B 259 10.56 -19.39 -2.10
CA VAL B 259 10.14 -20.78 -2.32
C VAL B 259 10.32 -21.13 -3.78
N PHE B 260 9.74 -20.32 -4.60
CA PHE B 260 9.75 -20.52 -6.06
C PHE B 260 9.64 -19.17 -6.75
N ASP B 261 10.52 -18.91 -7.70
CA ASP B 261 10.67 -17.53 -8.18
C ASP B 261 9.62 -17.04 -9.20
N LEU B 262 8.76 -17.94 -9.64
CA LEU B 262 7.57 -17.62 -10.42
C LEU B 262 7.80 -17.14 -11.80
N GLN B 263 9.02 -17.31 -12.28
CA GLN B 263 9.34 -17.06 -13.68
C GLN B 263 8.87 -18.17 -14.57
N ASN B 264 8.50 -17.83 -15.80
CA ASN B 264 7.99 -18.76 -16.75
C ASN B 264 9.18 -19.56 -17.21
N ARG B 265 8.94 -20.86 -17.42
CA ARG B 265 10.00 -21.75 -17.79
C ARG B 265 9.52 -22.52 -19.00
N PRO B 266 10.39 -22.91 -19.94
CA PRO B 266 11.84 -22.88 -19.86
C PRO B 266 12.40 -21.48 -19.91
N ASN B 267 13.53 -21.31 -19.19
CA ASN B 267 14.33 -20.12 -19.28
C ASN B 267 15.81 -20.48 -19.23
N THR B 268 16.68 -19.49 -19.44
CA THR B 268 18.13 -19.76 -19.52
C THR B 268 18.65 -20.55 -18.32
N ASP B 269 18.20 -20.21 -17.11
CA ASP B 269 18.61 -20.95 -15.91
C ASP B 269 17.84 -22.25 -15.65
N ALA B 270 16.71 -22.50 -16.30
CA ALA B 270 15.98 -23.79 -16.13
C ALA B 270 15.45 -24.23 -17.48
N PRO B 271 16.38 -24.67 -18.33
CA PRO B 271 15.99 -24.92 -19.73
C PRO B 271 15.11 -26.17 -20.00
N GLU B 272 15.07 -27.11 -19.03
CA GLU B 272 14.27 -28.36 -19.13
C GLU B 272 13.04 -28.31 -18.24
N GLU B 273 12.75 -27.15 -17.67
CA GLU B 273 11.57 -27.02 -16.81
C GLU B 273 10.43 -26.34 -17.58
N ARG B 274 9.18 -26.57 -17.16
CA ARG B 274 8.01 -26.02 -17.81
C ARG B 274 7.03 -25.42 -16.82
N PHE B 275 6.87 -24.07 -16.77
CA PHE B 275 6.03 -23.44 -15.80
C PHE B 275 5.45 -22.18 -16.44
N ASN B 276 4.14 -22.01 -16.31
CA ASN B 276 3.52 -20.76 -16.69
C ASN B 276 2.67 -20.22 -15.59
N LEU B 277 2.90 -18.94 -15.23
CA LEU B 277 2.05 -18.24 -14.28
C LEU B 277 1.06 -17.37 -15.09
N PHE B 278 -0.21 -17.42 -14.70
CA PHE B 278 -1.32 -16.65 -15.31
C PHE B 278 -2.03 -15.77 -14.30
N PRO B 279 -1.58 -14.51 -14.15
CA PRO B 279 -2.26 -13.63 -13.18
C PRO B 279 -3.54 -13.08 -13.68
N ALA B 280 -4.35 -12.47 -12.82
CA ALA B 280 -5.67 -11.92 -13.18
C ALA B 280 -6.59 -12.99 -13.83
N VAL B 281 -6.50 -14.21 -13.27
CA VAL B 281 -7.39 -15.34 -13.70
C VAL B 281 -8.18 -15.85 -12.47
N ALA B 282 -9.50 -15.60 -12.43
CA ALA B 282 -10.39 -16.08 -11.39
C ALA B 282 -10.73 -17.53 -11.64
N CYS B 283 -10.26 -18.42 -10.79
CA CYS B 283 -10.70 -19.83 -10.86
C CYS B 283 -12.06 -19.98 -10.17
N GLU B 284 -13.05 -20.56 -10.89
CA GLU B 284 -14.41 -20.54 -10.41
C GLU B 284 -14.93 -21.92 -10.04
N ARG B 285 -14.49 -22.97 -10.75
CA ARG B 285 -15.05 -24.35 -10.54
C ARG B 285 -14.07 -25.40 -10.96
N VAL B 286 -14.01 -26.47 -10.17
CA VAL B 286 -13.40 -27.73 -10.64
C VAL B 286 -14.58 -28.65 -11.05
N VAL B 287 -14.51 -29.20 -12.25
CA VAL B 287 -15.70 -29.96 -12.78
C VAL B 287 -15.57 -31.42 -12.35
N ARG B 288 -16.57 -31.98 -11.68
CA ARG B 288 -16.54 -33.37 -11.16
C ARG B 288 -17.08 -34.22 -12.26
N ASN B 289 -16.56 -35.44 -12.34
CA ASN B 289 -17.35 -36.50 -13.06
C ASN B 289 -18.69 -36.84 -12.29
N ALA B 290 -19.61 -37.58 -12.91
CA ALA B 290 -20.89 -37.95 -12.25
C ALA B 290 -20.57 -38.86 -11.04
N LEU B 291 -19.50 -39.66 -11.20
CA LEU B 291 -19.02 -40.67 -10.21
C LEU B 291 -18.35 -40.07 -8.94
N ASN B 292 -18.01 -38.78 -8.98
CA ASN B 292 -17.30 -38.09 -7.89
C ASN B 292 -16.03 -38.83 -7.51
N SER B 293 -15.32 -39.23 -8.54
CA SER B 293 -14.05 -39.91 -8.39
C SER B 293 -12.91 -39.14 -9.02
N GLU B 294 -13.20 -38.09 -9.82
CA GLU B 294 -12.13 -37.41 -10.52
C GLU B 294 -12.53 -36.01 -10.95
N ILE B 295 -11.59 -35.07 -10.97
CA ILE B 295 -11.83 -33.79 -11.59
C ILE B 295 -11.47 -33.87 -13.08
N GLU B 296 -12.35 -33.29 -13.91
CA GLU B 296 -12.24 -33.38 -15.35
C GLU B 296 -11.74 -32.07 -16.00
N SER B 297 -11.87 -30.91 -15.31
CA SER B 297 -11.40 -29.63 -15.83
C SER B 297 -11.48 -28.59 -14.76
N LEU B 298 -10.84 -27.45 -15.02
CA LEU B 298 -10.84 -26.26 -14.15
C LEU B 298 -11.51 -25.15 -14.99
N HIS B 299 -12.60 -24.55 -14.53
CA HIS B 299 -13.17 -23.41 -15.23
C HIS B 299 -12.60 -22.09 -14.66
N ILE B 300 -12.08 -21.29 -15.56
CA ILE B 300 -11.35 -20.03 -15.25
C ILE B 300 -12.03 -18.84 -15.99
N HIS B 301 -11.91 -17.67 -15.37
CA HIS B 301 -12.40 -16.43 -15.91
C HIS B 301 -11.20 -15.50 -16.00
N ASP B 302 -10.80 -15.21 -17.24
CA ASP B 302 -9.77 -14.20 -17.52
C ASP B 302 -10.34 -12.79 -17.26
N LEU B 303 -9.80 -12.11 -16.28
CA LEU B 303 -10.39 -10.85 -15.85
C LEU B 303 -10.05 -9.66 -16.69
N ILE B 304 -9.03 -9.76 -17.54
CA ILE B 304 -8.66 -8.67 -18.43
C ILE B 304 -9.53 -8.68 -19.69
N SER B 305 -9.57 -9.83 -20.39
CA SER B 305 -10.43 -10.03 -21.58
C SER B 305 -11.95 -10.24 -21.24
N GLY B 306 -12.23 -10.75 -20.05
CA GLY B 306 -13.58 -11.10 -19.68
C GLY B 306 -13.96 -12.52 -20.13
N ASP B 307 -13.14 -13.21 -20.92
CA ASP B 307 -13.49 -14.55 -21.38
C ASP B 307 -13.37 -15.67 -20.31
N ARG B 308 -14.18 -16.71 -20.53
CA ARG B 308 -14.13 -17.90 -19.74
C ARG B 308 -13.52 -19.05 -20.59
N PHE B 309 -12.74 -19.92 -19.94
CA PHE B 309 -12.04 -21.08 -20.53
C PHE B 309 -12.12 -22.29 -19.56
N GLU B 310 -12.01 -23.50 -20.15
CA GLU B 310 -11.85 -24.78 -19.42
C GLU B 310 -10.33 -25.08 -19.59
N ILE B 311 -9.73 -25.53 -18.52
CA ILE B 311 -8.38 -26.04 -18.55
C ILE B 311 -8.35 -27.48 -18.04
N LYS B 312 -7.62 -28.36 -18.77
CA LYS B 312 -7.42 -29.76 -18.41
C LYS B 312 -6.05 -30.00 -17.79
N ALA B 313 -6.00 -30.78 -16.71
CA ALA B 313 -4.75 -31.25 -16.11
C ALA B 313 -4.94 -32.68 -15.67
N ASP B 314 -3.83 -33.38 -15.44
CA ASP B 314 -3.86 -34.70 -14.80
C ASP B 314 -4.08 -34.51 -13.31
N VAL B 315 -3.46 -33.48 -12.75
CA VAL B 315 -3.55 -33.18 -11.33
C VAL B 315 -4.02 -31.75 -11.06
N TYR B 316 -4.89 -31.60 -10.08
CA TYR B 316 -5.44 -30.31 -9.73
C TYR B 316 -5.11 -30.02 -8.29
N VAL B 317 -4.46 -28.88 -8.04
CA VAL B 317 -4.07 -28.46 -6.66
C VAL B 317 -4.74 -27.12 -6.35
N LEU B 318 -5.51 -27.09 -5.26
CA LEU B 318 -6.18 -25.89 -4.82
C LEU B 318 -5.40 -25.34 -3.59
N THR B 319 -4.82 -24.19 -3.82
CA THR B 319 -4.02 -23.45 -2.75
C THR B 319 -4.40 -21.95 -2.74
N ALA B 320 -5.72 -21.71 -2.64
CA ALA B 320 -6.30 -20.37 -2.70
C ALA B 320 -6.54 -19.70 -1.34
N GLY B 321 -6.07 -20.32 -0.28
CA GLY B 321 -6.25 -19.87 1.06
C GLY B 321 -7.38 -20.66 1.71
N ALA B 322 -7.43 -20.59 3.06
CA ALA B 322 -8.46 -21.29 3.83
C ALA B 322 -9.85 -20.93 3.47
N VAL B 323 -10.11 -19.64 3.22
CA VAL B 323 -11.44 -19.23 2.83
C VAL B 323 -11.75 -19.61 1.37
N HIS B 324 -10.84 -19.27 0.47
CA HIS B 324 -11.16 -19.37 -0.96
C HIS B 324 -11.05 -20.79 -1.50
N ASN B 325 -10.32 -21.64 -0.82
CA ASN B 325 -10.38 -23.05 -1.24
C ASN B 325 -11.80 -23.58 -1.00
N THR B 326 -12.33 -23.24 0.13
CA THR B 326 -13.58 -23.71 0.55
C THR B 326 -14.66 -23.15 -0.38
N GLN B 327 -14.58 -21.86 -0.75
CA GLN B 327 -15.52 -21.25 -1.68
C GLN B 327 -15.50 -21.96 -3.05
N LEU B 328 -14.32 -22.18 -3.55
CA LEU B 328 -14.19 -22.82 -4.85
C LEU B 328 -14.86 -24.25 -4.83
N LEU B 329 -14.58 -25.01 -3.79
CA LEU B 329 -15.14 -26.36 -3.66
C LEU B 329 -16.69 -26.29 -3.57
N VAL B 330 -17.19 -25.37 -2.73
CA VAL B 330 -18.64 -25.28 -2.58
C VAL B 330 -19.29 -24.87 -3.90
N ASN B 331 -18.63 -23.98 -4.67
CA ASN B 331 -19.14 -23.49 -5.93
C ASN B 331 -19.10 -24.60 -6.94
N SER B 332 -18.37 -25.66 -6.62
CA SER B 332 -18.21 -26.81 -7.53
C SER B 332 -19.06 -28.06 -7.11
N GLY B 333 -19.88 -27.95 -6.09
CA GLY B 333 -20.80 -29.05 -5.73
C GLY B 333 -20.40 -29.87 -4.50
N PHE B 334 -19.31 -29.44 -3.79
CA PHE B 334 -18.84 -30.13 -2.59
C PHE B 334 -19.52 -29.45 -1.43
N GLY B 335 -19.70 -30.20 -0.36
CA GLY B 335 -20.45 -29.75 0.83
C GLY B 335 -21.78 -29.20 0.40
N GLN B 336 -22.20 -28.12 1.09
CA GLN B 336 -23.55 -27.60 1.01
C GLN B 336 -23.55 -26.10 0.79
N LEU B 337 -24.22 -25.63 -0.27
CA LEU B 337 -24.38 -24.22 -0.55
C LEU B 337 -25.52 -23.73 0.27
N GLY B 338 -25.40 -22.53 0.80
CA GLY B 338 -26.47 -21.91 1.55
C GLY B 338 -26.39 -22.12 3.04
N ARG B 339 -27.37 -21.56 3.76
CA ARG B 339 -27.37 -21.51 5.23
C ARG B 339 -27.47 -23.00 5.67
N PRO B 340 -26.61 -23.45 6.57
CA PRO B 340 -26.60 -24.85 7.00
C PRO B 340 -27.94 -25.42 7.39
N ASN B 341 -28.17 -26.64 6.99
CA ASN B 341 -29.45 -27.24 7.21
C ASN B 341 -29.18 -28.67 7.62
N PRO B 342 -29.20 -28.93 8.92
CA PRO B 342 -28.99 -30.32 9.36
C PRO B 342 -30.06 -31.31 8.81
N ALA B 343 -31.27 -30.81 8.55
CA ALA B 343 -32.33 -31.57 7.85
C ALA B 343 -31.94 -32.15 6.48
N ASN B 344 -30.83 -31.69 5.91
CA ASN B 344 -30.45 -32.05 4.55
C ASN B 344 -28.92 -32.11 4.36
N PRO B 345 -28.27 -33.06 5.06
CA PRO B 345 -26.81 -33.00 5.08
C PRO B 345 -26.28 -33.27 3.68
N PRO B 346 -25.12 -32.68 3.35
CA PRO B 346 -24.67 -32.89 1.98
C PRO B 346 -24.13 -34.29 1.82
N GLU B 347 -24.04 -34.71 0.58
CA GLU B 347 -23.54 -36.02 0.27
C GLU B 347 -22.03 -36.05 0.08
N LEU B 348 -21.47 -35.01 -0.56
CA LEU B 348 -20.04 -34.98 -0.76
C LEU B 348 -19.37 -34.08 0.31
N LEU B 349 -18.32 -34.59 0.92
CA LEU B 349 -17.52 -33.85 1.90
C LEU B 349 -18.35 -33.09 2.94
N PRO B 350 -19.12 -33.83 3.73
CA PRO B 350 -20.01 -33.18 4.71
C PRO B 350 -19.31 -32.37 5.80
N SER B 351 -18.02 -32.60 6.02
CA SER B 351 -17.30 -31.82 7.04
C SER B 351 -16.67 -30.53 6.45
N LEU B 352 -16.82 -30.30 5.14
CA LEU B 352 -16.26 -29.08 4.53
C LEU B 352 -16.90 -27.86 5.13
N GLY B 353 -16.04 -26.95 5.60
CA GLY B 353 -16.57 -25.69 6.23
C GLY B 353 -16.98 -25.81 7.67
N SER B 354 -16.90 -26.99 8.26
CA SER B 354 -17.21 -27.16 9.65
C SER B 354 -15.92 -27.40 10.44
N TYR B 355 -16.00 -27.34 11.75
CA TYR B 355 -14.82 -27.52 12.63
C TYR B 355 -13.73 -26.45 12.44
N ILE B 356 -14.12 -25.26 12.01
CA ILE B 356 -13.17 -24.19 11.72
C ILE B 356 -12.63 -23.67 13.05
N THR B 357 -11.38 -23.28 12.97
CA THR B 357 -10.66 -22.74 14.11
C THR B 357 -10.01 -21.43 13.69
N GLU B 358 -10.07 -20.53 14.65
CA GLU B 358 -9.26 -19.32 14.60
C GLU B 358 -8.80 -19.04 15.98
N GLN B 359 -7.59 -18.49 16.09
CA GLN B 359 -6.93 -18.26 17.41
C GLN B 359 -7.49 -17.03 18.10
N SER B 360 -7.59 -17.05 19.42
CA SER B 360 -7.75 -15.83 20.19
C SER B 360 -6.42 -15.09 20.15
N LEU B 361 -6.44 -13.75 20.07
CA LEU B 361 -5.19 -12.99 20.05
C LEU B 361 -5.31 -11.88 21.08
N VAL B 362 -4.31 -11.79 21.96
CA VAL B 362 -4.22 -10.67 22.88
C VAL B 362 -2.98 -9.86 22.50
N PHE B 363 -3.07 -8.56 22.85
CA PHE B 363 -2.06 -7.58 22.35
C PHE B 363 -1.89 -6.45 23.29
N CYS B 364 -0.64 -5.97 23.50
CA CYS B 364 -0.36 -4.72 24.13
C CYS B 364 1.04 -4.25 23.65
N GLN B 365 1.40 -3.05 24.02
CA GLN B 365 2.75 -2.56 23.87
C GLN B 365 3.26 -2.05 25.19
N THR B 366 4.54 -2.14 25.45
CA THR B 366 5.15 -1.67 26.66
C THR B 366 6.22 -0.61 26.34
N VAL B 367 6.57 0.14 27.39
CA VAL B 367 7.65 1.15 27.45
C VAL B 367 8.74 0.67 28.37
N MET B 368 9.91 0.39 27.84
CA MET B 368 11.01 -0.23 28.59
C MET B 368 11.28 0.38 29.94
N SER B 369 11.47 -0.46 30.97
CA SER B 369 11.74 0.05 32.28
C SER B 369 13.04 0.86 32.40
N THR B 370 13.07 1.75 33.32
CA THR B 370 14.27 2.53 33.62
C THR B 370 15.36 1.58 34.05
N GLU B 371 15.06 0.52 34.80
CA GLU B 371 16.11 -0.43 35.24
C GLU B 371 16.73 -1.06 34.07
N LEU B 372 15.92 -1.52 33.09
CA LEU B 372 16.52 -2.12 31.88
C LEU B 372 17.39 -1.15 31.06
N ILE B 373 16.91 0.07 30.89
CA ILE B 373 17.67 1.07 30.06
C ILE B 373 19.02 1.36 30.76
N ASP B 374 18.99 1.56 32.07
CA ASP B 374 20.19 1.79 32.87
C ASP B 374 21.16 0.61 32.74
N SER B 375 20.59 -0.60 32.70
CA SER B 375 21.45 -1.78 32.60
C SER B 375 22.22 -1.82 31.29
N VAL B 376 21.74 -1.17 30.22
CA VAL B 376 22.45 -1.26 28.91
C VAL B 376 23.83 -0.63 29.02
N LYS B 377 23.97 0.37 29.88
CA LYS B 377 25.19 1.17 29.98
C LYS B 377 25.91 0.90 31.33
N SER B 378 25.60 -0.25 31.98
CA SER B 378 26.19 -0.64 33.29
C SER B 378 27.73 -0.71 33.30
N ASP B 379 28.34 -0.98 32.18
CA ASP B 379 29.79 -1.09 32.15
C ASP B 379 30.51 0.23 31.85
N MET B 380 29.78 1.31 31.64
CA MET B 380 30.39 2.56 31.25
C MET B 380 30.84 3.31 32.45
N THR B 381 32.01 3.91 32.33
CA THR B 381 32.44 4.99 33.22
C THR B 381 32.09 6.36 32.56
N ILE B 382 31.38 7.19 33.29
CA ILE B 382 30.90 8.46 32.75
C ILE B 382 31.51 9.59 33.56
N ARG B 383 32.25 10.46 32.85
CA ARG B 383 32.74 11.70 33.44
C ARG B 383 32.13 12.93 32.79
N GLY B 384 31.74 13.93 33.60
CA GLY B 384 31.31 15.17 33.04
C GLY B 384 29.85 15.13 32.62
N THR B 385 29.43 16.16 31.89
CA THR B 385 28.01 16.29 31.53
C THR B 385 27.99 16.37 30.01
N PRO B 386 26.99 15.73 29.39
CA PRO B 386 26.90 15.69 27.93
C PRO B 386 26.98 17.07 27.38
N GLY B 387 27.66 17.23 26.24
CA GLY B 387 27.81 18.46 25.56
C GLY B 387 29.01 19.28 26.01
N GLU B 388 29.66 18.91 27.11
CA GLU B 388 30.88 19.64 27.58
C GLU B 388 32.18 19.03 26.98
N LEU B 389 33.19 19.89 26.84
CA LEU B 389 34.42 19.58 26.08
C LEU B 389 35.16 18.37 26.69
N THR B 390 35.01 18.17 27.98
CA THR B 390 35.62 17.02 28.67
C THR B 390 34.66 15.85 28.97
N TYR B 391 33.45 15.87 28.45
CA TYR B 391 32.55 14.68 28.59
C TYR B 391 33.20 13.41 28.08
N SER B 392 33.09 12.32 28.86
CA SER B 392 33.77 11.09 28.55
C SER B 392 32.93 9.86 28.98
N VAL B 393 32.74 8.92 28.03
CA VAL B 393 32.07 7.67 28.31
C VAL B 393 33.04 6.62 27.87
N THR B 394 33.50 5.80 28.80
CA THR B 394 34.53 4.79 28.50
C THR B 394 34.17 3.44 29.15
N TYR B 395 34.78 2.38 28.66
CA TYR B 395 34.73 1.05 29.26
C TYR B 395 36.02 0.38 29.00
N THR B 396 36.25 -0.70 29.72
CA THR B 396 37.53 -1.43 29.58
C THR B 396 37.28 -2.68 28.77
N PRO B 397 37.82 -2.70 27.57
CA PRO B 397 37.56 -3.93 26.90
C PRO B 397 38.19 -5.14 27.59
N GLY B 398 37.48 -6.25 27.59
CA GLY B 398 37.94 -7.50 28.17
C GLY B 398 37.86 -7.59 29.68
N ALA B 399 37.38 -6.58 30.40
CA ALA B 399 37.43 -6.64 31.83
C ALA B 399 36.48 -7.76 32.31
N SER B 400 36.99 -8.59 33.24
CA SER B 400 36.25 -9.75 33.64
C SER B 400 35.02 -9.34 34.46
N THR B 401 35.04 -8.15 35.08
CA THR B 401 33.82 -7.57 35.74
C THR B 401 32.75 -6.95 34.78
N ASN B 402 32.97 -6.94 33.46
CA ASN B 402 31.93 -6.36 32.52
C ASN B 402 30.74 -7.32 32.49
N LYS B 403 29.55 -6.75 32.42
CA LYS B 403 28.31 -7.51 32.22
C LYS B 403 27.94 -7.78 30.80
N HIS B 404 28.62 -7.11 29.86
CA HIS B 404 28.32 -7.26 28.42
C HIS B 404 29.54 -7.53 27.60
N PRO B 405 29.38 -8.16 26.44
CA PRO B 405 30.54 -8.29 25.57
C PRO B 405 31.09 -6.97 25.06
N ASP B 406 32.33 -7.04 24.54
CA ASP B 406 32.95 -5.85 23.99
C ASP B 406 32.16 -5.20 22.85
N TRP B 407 31.60 -5.98 21.97
CA TRP B 407 30.84 -5.37 20.88
C TRP B 407 29.69 -4.56 21.29
N TRP B 408 29.05 -4.95 22.39
CA TRP B 408 27.89 -4.25 22.93
C TRP B 408 28.33 -2.94 23.49
N ASN B 409 29.37 -2.98 24.34
CA ASN B 409 29.90 -1.78 24.94
C ASN B 409 30.46 -0.80 23.90
N GLU B 410 31.11 -1.29 22.83
CA GLU B 410 31.55 -0.40 21.80
C GLU B 410 30.38 0.40 21.13
N LYS B 411 29.32 -0.31 20.82
CA LYS B 411 28.11 0.33 20.24
C LYS B 411 27.52 1.36 21.16
N VAL B 412 27.43 1.05 22.45
CA VAL B 412 26.90 1.97 23.45
C VAL B 412 27.75 3.23 23.63
N LYS B 413 29.06 2.98 23.76
CA LYS B 413 29.97 4.03 24.03
C LYS B 413 29.94 5.01 22.84
N ASN B 414 30.03 4.46 21.62
CA ASN B 414 29.98 5.31 20.40
C ASN B 414 28.67 6.10 20.25
N HIS B 415 27.54 5.48 20.57
CA HIS B 415 26.29 6.20 20.53
C HIS B 415 26.28 7.34 21.51
N MET B 416 26.73 7.08 22.73
CA MET B 416 26.67 8.08 23.78
C MET B 416 27.66 9.26 23.56
N MET B 417 28.78 8.98 22.88
CA MET B 417 29.78 10.01 22.56
C MET B 417 29.43 10.75 21.24
N GLN B 418 28.82 10.08 20.29
CA GLN B 418 28.54 10.68 18.96
C GLN B 418 27.18 11.43 18.98
N HIS B 419 26.34 11.13 19.96
CA HIS B 419 25.00 11.75 20.14
C HIS B 419 24.74 12.18 21.55
N GLN B 420 25.51 13.19 21.98
CA GLN B 420 25.39 13.68 23.32
C GLN B 420 24.09 14.42 23.55
N GLU B 421 23.35 14.81 22.51
CA GLU B 421 21.98 15.39 22.69
C GLU B 421 20.89 14.29 23.02
N ASP B 422 21.22 13.01 22.83
CA ASP B 422 20.27 11.94 22.93
C ASP B 422 20.35 11.35 24.37
N PRO B 423 19.22 11.19 25.06
CA PRO B 423 19.31 10.64 26.40
C PRO B 423 19.27 9.11 26.63
N LEU B 424 19.25 8.32 25.59
CA LEU B 424 19.20 6.82 25.65
C LEU B 424 20.50 6.21 25.22
N PRO B 425 20.86 5.07 25.81
CA PRO B 425 22.14 4.39 25.49
C PRO B 425 22.06 3.48 24.28
N ILE B 426 20.85 3.31 23.74
CA ILE B 426 20.55 2.41 22.62
C ILE B 426 20.86 3.12 21.31
N PRO B 427 21.69 2.51 20.42
CA PRO B 427 21.98 3.15 19.16
C PRO B 427 20.76 3.34 18.26
N PHE B 428 20.78 4.39 17.39
CA PHE B 428 19.60 4.65 16.62
C PHE B 428 19.25 3.52 15.66
N GLU B 429 20.27 2.87 15.15
CA GLU B 429 19.97 1.83 14.14
C GLU B 429 19.72 0.44 14.72
N ASP B 430 19.55 0.30 16.01
CA ASP B 430 19.51 -1.01 16.63
C ASP B 430 18.29 -1.79 16.13
N PRO B 431 18.46 -3.03 15.62
CA PRO B 431 17.29 -3.85 15.19
C PRO B 431 16.33 -4.17 16.33
N GLU B 432 15.09 -4.47 15.96
CA GLU B 432 14.01 -4.68 16.92
C GLU B 432 14.12 -6.02 17.62
N PRO B 433 13.58 -6.16 18.78
CA PRO B 433 13.50 -7.45 19.41
C PRO B 433 12.61 -8.45 18.66
N GLN B 434 12.95 -9.73 18.79
CA GLN B 434 12.26 -10.82 18.08
C GLN B 434 12.25 -12.05 19.03
N VAL B 435 11.55 -11.98 20.12
CA VAL B 435 11.63 -12.99 21.20
C VAL B 435 10.35 -13.84 21.31
N THR B 436 10.49 -15.10 21.71
CA THR B 436 9.39 -16.03 21.98
C THR B 436 9.71 -16.97 23.17
N THR B 437 8.67 -17.36 23.93
CA THR B 437 8.65 -18.58 24.61
C THR B 437 7.56 -19.42 23.87
N LEU B 438 7.96 -20.53 23.27
CA LEU B 438 7.01 -21.37 22.52
C LEU B 438 5.98 -22.05 23.39
N PHE B 439 4.82 -22.32 22.80
CA PHE B 439 3.74 -23.07 23.42
C PHE B 439 4.27 -24.28 24.23
N GLN B 440 3.80 -24.44 25.43
CA GLN B 440 3.96 -25.66 26.23
C GLN B 440 2.69 -26.00 27.02
N PRO B 441 2.60 -27.23 27.56
CA PRO B 441 1.34 -27.57 28.23
C PRO B 441 1.02 -26.69 29.39
N SER B 442 2.02 -26.21 30.13
CA SER B 442 1.81 -25.31 31.25
C SER B 442 1.52 -23.83 30.85
N HIS B 443 1.73 -23.52 29.57
CA HIS B 443 1.43 -22.19 28.97
C HIS B 443 1.06 -22.44 27.51
N PRO B 444 -0.16 -22.92 27.26
CA PRO B 444 -0.61 -23.44 25.98
C PRO B 444 -1.08 -22.27 25.07
N TRP B 445 -0.16 -21.40 24.74
CA TRP B 445 -0.35 -20.27 23.80
C TRP B 445 0.99 -20.00 23.17
N HIS B 446 1.00 -19.46 21.94
CA HIS B 446 2.24 -19.02 21.32
C HIS B 446 2.51 -17.57 21.76
N THR B 447 3.74 -17.09 21.82
CA THR B 447 4.02 -15.72 22.26
C THR B 447 5.03 -15.06 21.26
N GLN B 448 4.82 -13.77 21.00
CA GLN B 448 5.76 -12.93 20.23
C GLN B 448 5.93 -11.66 20.99
N ILE B 449 7.18 -11.35 21.26
CA ILE B 449 7.67 -10.25 22.07
C ILE B 449 8.67 -9.53 21.10
N HIS B 450 8.18 -8.49 20.39
CA HIS B 450 8.71 -8.17 19.11
C HIS B 450 8.33 -6.79 18.63
N ARG B 451 8.75 -6.40 17.41
CA ARG B 451 8.04 -5.29 16.77
C ARG B 451 7.52 -5.64 15.39
N ASP B 452 6.20 -5.59 15.23
CA ASP B 452 5.43 -6.05 13.97
C ASP B 452 5.17 -4.83 13.16
N ALA B 453 5.36 -4.90 11.86
CA ALA B 453 4.92 -3.75 11.06
C ALA B 453 3.43 -3.44 11.17
N PHE B 454 2.60 -4.49 11.40
CA PHE B 454 1.13 -4.38 11.47
C PHE B 454 0.70 -3.87 12.84
N SER B 455 1.03 -2.61 13.09
CA SER B 455 0.43 -1.87 14.19
C SER B 455 -1.15 -1.91 14.06
N TYR B 456 -1.86 -1.63 15.16
CA TYR B 456 -3.35 -1.85 15.22
C TYR B 456 -4.24 -0.57 15.45
N GLN B 461 3.79 7.64 18.49
CA GLN B 461 4.75 8.57 17.94
C GLN B 461 5.42 9.54 18.93
N SER B 462 4.89 9.77 20.14
CA SER B 462 5.58 10.59 21.09
C SER B 462 6.61 9.87 21.98
N ILE B 463 6.39 8.64 22.32
CA ILE B 463 7.38 7.89 23.10
C ILE B 463 8.47 7.39 22.11
N ASP B 464 9.73 7.47 22.46
CA ASP B 464 10.83 7.04 21.59
C ASP B 464 10.68 5.57 21.21
N SER B 465 10.82 5.27 19.92
N SER B 465 10.81 5.25 19.93
CA SER B 465 10.57 3.94 19.41
CA SER B 465 10.54 3.91 19.47
C SER B 465 11.50 2.83 19.99
C SER B 465 11.49 2.82 20.02
N ARG B 466 12.72 3.21 20.36
CA ARG B 466 13.67 2.30 20.96
C ARG B 466 13.14 1.70 22.26
N LEU B 467 12.20 2.40 22.90
CA LEU B 467 11.65 1.92 24.15
C LEU B 467 10.47 0.94 24.00
N ILE B 468 9.94 0.87 22.80
CA ILE B 468 8.63 0.18 22.60
C ILE B 468 8.81 -1.31 22.17
N VAL B 469 8.04 -2.20 22.83
CA VAL B 469 7.98 -3.62 22.58
C VAL B 469 6.50 -4.02 22.43
N ASP B 470 6.25 -4.77 21.38
CA ASP B 470 4.95 -5.41 21.07
C ASP B 470 4.84 -6.80 21.76
N TRP B 471 3.67 -7.06 22.34
CA TRP B 471 3.32 -8.39 22.90
C TRP B 471 2.12 -8.96 22.23
N ARG B 472 2.30 -10.12 21.51
CA ARG B 472 1.17 -10.81 20.98
C ARG B 472 1.17 -12.29 21.44
N PHE B 473 0.10 -12.70 22.13
CA PHE B 473 -0.07 -14.07 22.63
C PHE B 473 -1.30 -14.66 21.91
N PHE B 474 -1.11 -15.90 21.35
CA PHE B 474 -2.10 -16.49 20.49
C PHE B 474 -2.55 -17.83 21.06
N GLY B 475 -3.88 -17.98 21.23
CA GLY B 475 -4.52 -19.15 21.86
C GLY B 475 -4.86 -20.21 20.84
N ARG B 476 -5.07 -21.40 21.34
CA ARG B 476 -5.51 -22.50 20.57
C ARG B 476 -6.99 -22.64 20.69
N THR B 477 -7.63 -22.99 19.56
CA THR B 477 -9.09 -23.13 19.55
C THR B 477 -9.53 -24.54 19.23
N GLU B 478 -10.31 -25.14 20.15
CA GLU B 478 -10.85 -26.55 19.97
C GLU B 478 -11.68 -26.52 18.67
N PRO B 479 -11.48 -27.48 17.77
CA PRO B 479 -12.43 -27.64 16.67
C PRO B 479 -13.80 -28.17 17.11
N LYS B 480 -14.85 -27.51 16.68
CA LYS B 480 -16.25 -27.85 17.04
C LYS B 480 -17.10 -27.78 15.80
N GLU B 481 -17.93 -28.81 15.61
CA GLU B 481 -18.71 -28.94 14.39
CA GLU B 481 -18.76 -28.94 14.38
C GLU B 481 -19.53 -27.70 14.11
N GLU B 482 -20.02 -27.07 15.15
CA GLU B 482 -20.93 -25.94 15.02
C GLU B 482 -20.27 -24.65 14.54
N ASN B 483 -18.93 -24.58 14.53
CA ASN B 483 -18.17 -23.39 14.09
C ASN B 483 -17.93 -23.62 12.59
N LYS B 484 -18.56 -22.76 11.82
CA LYS B 484 -18.73 -22.90 10.41
C LYS B 484 -18.36 -21.66 9.52
N LEU B 485 -17.81 -21.97 8.34
CA LEU B 485 -17.69 -21.09 7.22
C LEU B 485 -18.63 -21.67 6.13
N TRP B 486 -19.64 -20.87 5.78
CA TRP B 486 -20.59 -21.24 4.71
C TRP B 486 -20.79 -20.16 3.70
N PHE B 487 -21.46 -20.48 2.61
CA PHE B 487 -21.47 -19.58 1.47
C PHE B 487 -22.92 -19.35 1.03
N SER B 488 -23.31 -18.05 0.85
CA SER B 488 -24.72 -17.67 0.45
C SER B 488 -25.12 -18.30 -0.87
N ASP B 489 -26.37 -18.79 -0.94
CA ASP B 489 -26.94 -19.15 -2.22
C ASP B 489 -27.55 -17.99 -2.95
N LYS B 490 -27.58 -16.79 -2.38
CA LYS B 490 -28.15 -15.61 -3.01
C LYS B 490 -27.17 -14.42 -3.11
N ILE B 491 -26.42 -14.15 -2.06
CA ILE B 491 -25.55 -12.97 -2.02
C ILE B 491 -24.20 -13.43 -2.66
N THR B 492 -23.60 -12.57 -3.48
CA THR B 492 -22.30 -12.83 -4.08
C THR B 492 -21.29 -11.69 -3.71
N ASP B 493 -20.03 -12.04 -3.85
CA ASP B 493 -18.91 -11.19 -3.56
C ASP B 493 -18.52 -10.40 -4.82
N ALA B 494 -17.41 -9.66 -4.71
CA ALA B 494 -16.93 -8.77 -5.78
C ALA B 494 -16.59 -9.51 -7.02
N TYR B 495 -16.29 -10.81 -6.90
CA TYR B 495 -15.98 -11.66 -8.03
C TYR B 495 -17.15 -12.57 -8.46
N ASN B 496 -18.37 -12.17 -8.07
CA ASN B 496 -19.62 -12.87 -8.39
CA ASN B 496 -19.57 -12.92 -8.50
C ASN B 496 -19.61 -14.35 -7.97
N MET B 497 -18.94 -14.63 -6.85
CA MET B 497 -18.87 -15.92 -6.22
C MET B 497 -19.67 -15.90 -4.95
N PRO B 498 -20.16 -17.07 -4.51
CA PRO B 498 -21.02 -17.16 -3.36
C PRO B 498 -20.38 -16.48 -2.15
N GLN B 499 -21.13 -15.58 -1.48
CA GLN B 499 -20.56 -14.76 -0.42
C GLN B 499 -20.22 -15.56 0.86
N PRO B 500 -18.94 -15.52 1.27
CA PRO B 500 -18.61 -16.21 2.53
C PRO B 500 -19.32 -15.61 3.75
N THR B 501 -19.80 -16.47 4.67
CA THR B 501 -20.46 -16.14 5.92
C THR B 501 -19.89 -17.01 7.09
N PHE B 502 -19.66 -16.42 8.26
CA PHE B 502 -19.16 -17.15 9.39
C PHE B 502 -20.29 -17.38 10.36
N ASP B 503 -20.23 -18.52 11.04
CA ASP B 503 -21.04 -18.73 12.26
C ASP B 503 -20.08 -19.32 13.24
N PHE B 504 -19.54 -18.41 14.06
CA PHE B 504 -18.38 -18.71 14.93
C PHE B 504 -18.54 -18.07 16.31
N ARG B 505 -18.23 -18.87 17.36
CA ARG B 505 -17.88 -18.37 18.68
C ARG B 505 -16.75 -19.22 19.21
N PHE B 506 -15.92 -18.57 20.02
CA PHE B 506 -14.91 -19.38 20.72
C PHE B 506 -15.61 -20.36 21.62
N PRO B 507 -15.28 -21.64 21.57
CA PRO B 507 -15.90 -22.64 22.43
C PRO B 507 -15.82 -22.33 23.94
N ALA B 508 -16.91 -22.56 24.66
CA ALA B 508 -16.81 -22.54 26.09
C ALA B 508 -15.85 -23.74 26.46
N GLY B 509 -15.52 -23.80 27.71
CA GLY B 509 -14.69 -24.85 28.24
C GLY B 509 -13.29 -24.33 28.05
N ARG B 510 -12.47 -25.23 27.56
CA ARG B 510 -11.03 -25.06 27.64
C ARG B 510 -10.56 -23.87 26.78
N THR B 511 -11.11 -23.67 25.58
CA THR B 511 -10.65 -22.59 24.71
C THR B 511 -10.80 -21.26 25.43
N SER B 512 -11.95 -21.08 26.04
CA SER B 512 -12.31 -19.78 26.69
C SER B 512 -11.48 -19.58 27.99
N LYS B 513 -11.34 -20.64 28.80
CA LYS B 513 -10.57 -20.56 30.00
C LYS B 513 -9.10 -20.27 29.65
N GLU B 514 -8.57 -20.95 28.63
CA GLU B 514 -7.22 -20.68 28.23
C GLU B 514 -7.02 -19.26 27.73
N ALA B 515 -7.97 -18.76 26.99
CA ALA B 515 -7.88 -17.41 26.43
C ALA B 515 -7.74 -16.40 27.51
N GLU B 516 -8.52 -16.51 28.57
CA GLU B 516 -8.43 -15.56 29.63
C GLU B 516 -7.15 -15.76 30.45
N ASP B 517 -6.75 -17.01 30.70
CA ASP B 517 -5.51 -17.26 31.33
C ASP B 517 -4.31 -16.63 30.52
N MET B 518 -4.41 -16.74 29.16
CA MET B 518 -3.48 -16.14 28.26
C MET B 518 -3.33 -14.61 28.42
N MET B 519 -4.47 -13.90 28.50
CA MET B 519 -4.45 -12.50 28.77
C MET B 519 -3.71 -12.22 30.06
N THR B 520 -4.07 -12.91 31.15
CA THR B 520 -3.39 -12.72 32.38
C THR B 520 -1.92 -12.93 32.28
N ASP B 521 -1.55 -14.01 31.59
CA ASP B 521 -0.12 -14.26 31.40
C ASP B 521 0.65 -13.16 30.65
N MET B 522 0.03 -12.53 29.64
CA MET B 522 0.66 -11.45 28.91
C MET B 522 0.78 -10.29 29.90
N CYS B 523 -0.22 -10.11 30.78
CA CYS B 523 -0.09 -9.00 31.67
C CYS B 523 1.04 -9.16 32.71
N VAL B 524 1.15 -10.39 33.22
CA VAL B 524 2.18 -10.77 34.18
C VAL B 524 3.59 -10.68 33.58
N MET B 525 3.76 -11.26 32.42
CA MET B 525 5.05 -11.35 31.76
C MET B 525 5.51 -9.95 31.34
N SER B 526 4.64 -9.20 30.66
CA SER B 526 5.01 -7.87 30.10
C SER B 526 5.50 -6.91 31.14
N ALA B 527 4.97 -7.00 32.35
CA ALA B 527 5.42 -6.19 33.46
C ALA B 527 6.86 -6.37 33.88
N LYS B 528 7.51 -7.47 33.50
CA LYS B 528 8.92 -7.68 33.82
C LYS B 528 9.80 -6.74 32.95
N ILE B 529 9.25 -6.31 31.80
CA ILE B 529 9.98 -5.49 30.85
C ILE B 529 9.67 -4.01 30.97
N GLY B 530 8.39 -3.63 31.17
CA GLY B 530 8.00 -2.20 31.44
C GLY B 530 6.49 -2.15 31.58
N GLY B 531 5.98 -0.97 31.93
CA GLY B 531 4.57 -0.74 31.86
C GLY B 531 3.94 -0.67 30.49
N PHE B 532 2.62 -0.80 30.40
CA PHE B 532 1.91 -0.62 29.15
C PHE B 532 2.12 0.81 28.57
N LEU B 533 2.17 0.85 27.26
CA LEU B 533 2.13 2.06 26.43
C LEU B 533 0.68 2.58 26.39
N PRO B 534 0.48 3.79 26.96
CA PRO B 534 -0.88 4.34 26.78
C PRO B 534 -1.32 4.37 25.27
N GLY B 535 -2.53 3.92 25.04
CA GLY B 535 -3.15 3.77 23.71
C GLY B 535 -2.88 2.40 23.08
N SER B 536 -2.15 1.54 23.79
CA SER B 536 -1.89 0.15 23.40
C SER B 536 -2.01 -0.74 24.64
N LEU B 537 -3.11 -0.59 25.36
CA LEU B 537 -3.31 -1.33 26.56
C LEU B 537 -3.76 -2.75 26.25
N PRO B 538 -3.67 -3.64 27.24
CA PRO B 538 -3.99 -5.02 27.01
C PRO B 538 -5.41 -5.26 26.51
N GLN B 539 -5.55 -6.00 25.40
CA GLN B 539 -6.84 -6.18 24.78
C GLN B 539 -6.90 -7.40 23.95
N PHE B 540 -8.09 -7.98 23.86
CA PHE B 540 -8.40 -8.96 22.77
C PHE B 540 -8.55 -8.21 21.46
N MET B 541 -7.96 -8.77 20.41
CA MET B 541 -8.16 -8.19 19.12
C MET B 541 -9.37 -8.81 18.42
N GLU B 542 -9.85 -8.08 17.38
CA GLU B 542 -11.03 -8.52 16.71
C GLU B 542 -10.88 -9.95 16.22
N PRO B 543 -11.94 -10.73 16.38
CA PRO B 543 -11.82 -12.14 15.99
C PRO B 543 -11.42 -12.32 14.54
N GLY B 544 -10.37 -13.10 14.34
CA GLY B 544 -9.88 -13.31 12.94
C GLY B 544 -8.81 -12.34 12.52
N LEU B 545 -8.49 -11.28 13.28
CA LEU B 545 -7.47 -10.35 12.83
C LEU B 545 -6.08 -11.02 12.71
N CYS B 546 -5.87 -12.10 13.45
CA CYS B 546 -4.60 -12.76 13.49
C CYS B 546 -4.38 -13.55 12.23
N LEU B 547 -5.47 -13.77 11.46
CA LEU B 547 -5.36 -14.42 10.18
C LEU B 547 -4.71 -15.83 10.22
N HIS B 548 -5.20 -16.61 11.20
CA HIS B 548 -4.65 -17.96 11.46
C HIS B 548 -5.71 -19.02 11.29
N LEU B 549 -6.71 -18.69 10.51
CA LEU B 549 -7.85 -19.62 10.25
C LEU B 549 -7.44 -20.98 9.72
N GLY B 550 -7.96 -21.99 10.38
CA GLY B 550 -7.65 -23.35 10.02
C GLY B 550 -8.90 -24.24 9.93
N GLY B 551 -8.72 -25.45 9.44
CA GLY B 551 -9.74 -26.48 9.58
C GLY B 551 -10.94 -26.39 8.69
N THR B 552 -10.89 -25.54 7.67
CA THR B 552 -12.02 -25.37 6.83
C THR B 552 -12.15 -26.48 5.76
N HIS B 553 -11.07 -27.26 5.56
CA HIS B 553 -11.02 -28.44 4.67
C HIS B 553 -10.05 -29.48 5.24
N ARG B 554 -10.37 -29.87 6.47
CA ARG B 554 -9.40 -30.46 7.36
C ARG B 554 -8.97 -31.90 7.03
N MET B 555 -7.78 -32.21 7.46
CA MET B 555 -7.10 -33.49 7.25
C MET B 555 -7.36 -34.49 8.36
N GLY B 556 -7.41 -35.77 7.94
CA GLY B 556 -7.52 -36.88 8.90
C GLY B 556 -7.24 -38.18 8.20
N PHE B 557 -7.21 -39.25 8.95
CA PHE B 557 -7.02 -40.58 8.38
C PHE B 557 -8.31 -41.12 7.72
N ASP B 558 -9.46 -40.89 8.33
CA ASP B 558 -10.69 -41.47 7.84
C ASP B 558 -11.73 -40.42 7.74
N GLU B 559 -12.31 -40.28 6.55
CA GLU B 559 -13.30 -39.21 6.27
C GLU B 559 -14.40 -39.14 7.34
N LYS B 560 -14.99 -40.32 7.64
CA LYS B 560 -16.09 -40.40 8.63
C LYS B 560 -15.66 -40.34 10.10
N GLU B 561 -14.71 -41.19 10.54
CA GLU B 561 -14.30 -41.22 11.95
C GLU B 561 -13.56 -39.99 12.38
N ASP B 562 -12.81 -39.37 11.47
CA ASP B 562 -12.08 -38.15 11.82
C ASP B 562 -12.75 -36.84 11.36
N ASN B 563 -13.95 -36.93 10.84
CA ASN B 563 -14.73 -35.77 10.37
C ASN B 563 -13.92 -34.82 9.53
N CYS B 564 -13.45 -35.33 8.38
CA CYS B 564 -12.41 -34.64 7.59
C CYS B 564 -12.61 -34.73 6.09
N CYS B 565 -11.83 -33.93 5.34
CA CYS B 565 -11.99 -33.73 3.93
C CYS B 565 -10.85 -34.23 3.09
N VAL B 566 -9.64 -34.25 3.64
CA VAL B 566 -8.47 -34.71 2.92
C VAL B 566 -7.72 -35.73 3.79
N ASN B 567 -7.00 -36.63 3.14
CA ASN B 567 -6.13 -37.57 3.82
C ASN B 567 -4.73 -37.02 4.04
N THR B 568 -3.85 -37.85 4.63
CA THR B 568 -2.50 -37.32 4.98
C THR B 568 -1.57 -37.01 3.80
N ASP B 569 -2.00 -37.34 2.59
CA ASP B 569 -1.37 -36.85 1.36
C ASP B 569 -2.06 -35.60 0.80
N SER B 570 -2.98 -35.03 1.57
CA SER B 570 -3.83 -33.88 1.21
C SER B 570 -4.80 -34.15 0.00
N ARG B 571 -5.07 -35.43 -0.31
CA ARG B 571 -5.93 -35.81 -1.38
C ARG B 571 -7.37 -35.80 -0.86
N VAL B 572 -8.28 -35.13 -1.56
CA VAL B 572 -9.70 -35.16 -1.20
C VAL B 572 -10.25 -36.60 -1.28
N PHE B 573 -10.84 -37.08 -0.20
CA PHE B 573 -11.39 -38.44 -0.18
C PHE B 573 -12.26 -38.70 -1.37
N GLY B 574 -12.06 -39.86 -1.99
CA GLY B 574 -12.93 -40.25 -3.12
C GLY B 574 -12.38 -39.87 -4.49
N PHE B 575 -11.46 -38.88 -4.55
CA PHE B 575 -11.03 -38.30 -5.81
C PHE B 575 -9.60 -38.68 -6.07
N LYS B 576 -9.30 -39.15 -7.25
CA LYS B 576 -7.95 -39.56 -7.53
C LYS B 576 -6.92 -38.46 -7.73
N ASN B 577 -7.36 -37.28 -8.23
CA ASN B 577 -6.46 -36.26 -8.76
C ASN B 577 -6.72 -34.83 -8.29
N LEU B 578 -7.31 -34.70 -7.11
CA LEU B 578 -7.58 -33.47 -6.46
C LEU B 578 -6.94 -33.35 -5.07
N PHE B 579 -6.17 -32.27 -4.91
CA PHE B 579 -5.34 -31.98 -3.67
C PHE B 579 -5.57 -30.58 -3.18
N LEU B 580 -5.68 -30.40 -1.86
CA LEU B 580 -5.79 -29.13 -1.28
C LEU B 580 -4.57 -28.83 -0.40
N GLY B 581 -4.06 -27.63 -0.48
CA GLY B 581 -3.01 -27.22 0.42
C GLY B 581 -3.41 -26.00 1.18
N GLY B 582 -2.78 -25.82 2.33
CA GLY B 582 -2.90 -24.62 3.11
C GLY B 582 -3.31 -24.90 4.53
N CYS B 583 -3.49 -23.82 5.31
CA CYS B 583 -3.87 -23.94 6.71
C CYS B 583 -5.29 -24.54 6.93
N GLY B 584 -6.13 -24.47 5.92
CA GLY B 584 -7.43 -25.19 5.96
C GLY B 584 -7.34 -26.71 6.22
N ASN B 585 -6.19 -27.27 5.88
CA ASN B 585 -5.92 -28.67 6.13
C ASN B 585 -5.70 -28.97 7.62
N ILE B 586 -5.28 -28.01 8.42
CA ILE B 586 -4.88 -28.31 9.80
C ILE B 586 -6.10 -28.59 10.66
N PRO B 587 -6.19 -29.75 11.29
CA PRO B 587 -7.42 -30.13 12.01
C PRO B 587 -7.41 -29.95 13.52
N THR B 588 -6.27 -29.57 14.06
CA THR B 588 -6.01 -29.48 15.48
C THR B 588 -6.20 -28.07 15.97
N ALA B 589 -6.21 -27.99 17.28
CA ALA B 589 -6.18 -26.71 18.02
C ALA B 589 -4.70 -26.27 18.21
N TYR B 590 -4.30 -25.22 17.49
CA TYR B 590 -2.95 -24.74 17.51
C TYR B 590 -2.91 -23.25 17.89
N GLY B 591 -1.81 -22.87 18.55
CA GLY B 591 -1.56 -21.50 18.90
C GLY B 591 -0.47 -20.84 18.09
N ALA B 592 0.47 -21.67 17.59
CA ALA B 592 1.62 -21.16 16.81
C ALA B 592 1.23 -20.77 15.39
N ASN B 593 2.07 -20.00 14.73
CA ASN B 593 1.78 -19.54 13.40
C ASN B 593 1.79 -20.74 12.47
N PRO B 594 0.72 -20.88 11.65
CA PRO B 594 0.52 -22.17 10.92
C PRO B 594 1.24 -22.43 9.60
N THR B 595 1.79 -21.38 8.95
CA THR B 595 2.25 -21.53 7.59
C THR B 595 3.31 -22.61 7.38
N LEU B 596 4.25 -22.69 8.28
CA LEU B 596 5.31 -23.69 8.13
C LEU B 596 4.73 -25.15 8.17
N THR B 597 3.83 -25.39 9.07
CA THR B 597 3.05 -26.65 9.16
C THR B 597 2.34 -26.96 7.85
N ALA B 598 1.63 -25.97 7.29
CA ALA B 598 0.97 -26.17 6.07
C ALA B 598 1.92 -26.49 4.94
N MET B 599 3.07 -25.85 4.87
CA MET B 599 4.07 -26.13 3.85
C MET B 599 4.59 -27.55 3.99
N SER B 600 4.76 -27.98 5.22
CA SER B 600 5.23 -29.36 5.50
C SER B 600 4.26 -30.41 4.99
N LEU B 601 2.96 -30.15 5.13
CA LEU B 601 1.94 -31.05 4.62
C LEU B 601 1.95 -31.04 3.11
N ALA B 602 2.24 -29.86 2.51
CA ALA B 602 2.35 -29.76 1.05
C ALA B 602 3.47 -30.51 0.49
N ILE B 603 4.61 -30.52 1.16
CA ILE B 603 5.72 -31.33 0.70
C ILE B 603 5.37 -32.81 0.67
N LYS B 604 4.76 -33.30 1.76
CA LYS B 604 4.21 -34.67 1.80
C LYS B 604 3.23 -34.99 0.63
N SER B 605 2.34 -34.08 0.33
CA SER B 605 1.45 -34.19 -0.79
C SER B 605 2.19 -34.33 -2.11
N CYS B 606 3.25 -33.52 -2.28
CA CYS B 606 4.02 -33.58 -3.51
C CYS B 606 4.73 -34.92 -3.72
N GLU B 607 5.12 -35.53 -2.62
CA GLU B 607 5.75 -36.87 -2.72
C GLU B 607 4.71 -37.88 -3.29
N TYR B 608 3.43 -37.83 -2.85
CA TYR B 608 2.41 -38.74 -3.32
C TYR B 608 2.26 -38.47 -4.82
N ILE B 609 2.16 -37.22 -5.20
CA ILE B 609 1.93 -36.88 -6.61
C ILE B 609 3.05 -37.42 -7.46
N LYS B 610 4.28 -37.24 -7.02
CA LYS B 610 5.43 -37.62 -7.84
C LYS B 610 5.56 -39.12 -8.02
N GLN B 611 5.03 -39.84 -7.02
CA GLN B 611 5.04 -41.31 -6.99
C GLN B 611 3.81 -41.93 -7.72
N ASN B 612 2.80 -41.11 -8.08
CA ASN B 612 1.56 -41.67 -8.69
C ASN B 612 1.13 -41.08 -10.02
N PHE B 613 1.82 -40.02 -10.50
CA PHE B 613 1.55 -39.44 -11.80
C PHE B 613 2.84 -39.24 -12.56
N THR B 614 2.75 -39.48 -13.87
CA THR B 614 3.90 -39.41 -14.75
C THR B 614 3.93 -38.09 -15.48
N PRO B 615 5.07 -37.40 -15.42
CA PRO B 615 5.26 -36.16 -16.19
C PRO B 615 5.27 -36.45 -17.67
N SER B 616 4.57 -35.63 -18.44
CA SER B 616 4.65 -35.70 -19.86
C SER B 616 6.09 -35.50 -20.33
N PRO B 617 6.42 -36.01 -21.52
CA PRO B 617 7.71 -35.72 -22.16
C PRO B 617 7.71 -34.30 -22.71
N PHE B 618 8.87 -33.68 -22.66
CA PHE B 618 9.01 -32.27 -23.03
C PHE B 618 8.46 -31.88 -24.44
#